data_7AT5
#
_entry.id   7AT5
#
_cell.length_a   127.591
_cell.length_b   127.591
_cell.length_c   124.520
_cell.angle_alpha   90.000
_cell.angle_beta   90.000
_cell.angle_gamma   90.000
#
_symmetry.space_group_name_H-M   'P 43 21 2'
#
loop_
_entity.id
_entity.type
_entity.pdbx_description
1 polymer 'Casein kinase II subunit alpha'
2 non-polymer 'SULFATE ION'
3 non-polymer "~{N}'-[2-(3,4-dichlorophenyl)ethyl]-~{N}-[4-[4,5,6,7-tetrakis(bromanyl)benzimidazol-1-yl]butyl]butanediamide"
4 non-polymer 2-(3,4-dichlorophenyl)ethanamine
5 non-polymer 1,2-ETHANEDIOL
6 water water
#
_entity_poly.entity_id   1
_entity_poly.type   'polypeptide(L)'
_entity_poly.pdbx_seq_one_letter_code
;MGSSHHHHHHSQDPMSGPVPSRARVYTDVNTHRPREYWDYESHVVEWGNQDDYQLVRKLGRGKYSEVFEAINITNNEKVV
VKILKPVKKKKIKREIKILENLRGGPNIITLADIVKDPVSRTPALVFEHVNNTDFKQLYQTLTDYDIRFYMYEILKALDY
CHSMGIMHRDVKPHNVMIDHEHRKLRLIDWGLAEFYHPGQEYNVRVASRYFKGPELLVDYQMYDYSLDMWSLGCMLASMI
FRKEPFFHGHDNYDQLVRIAKVLGTEDLYDYIDKYNIELDPRFNDILGRHSRKRWERFVHSENQHLVSPEALDFLDKLLR
YDHQSRLTAREAMEHPYFYTVVKDQARMG
;
_entity_poly.pdbx_strand_id   A,B
#
# COMPACT_ATOMS: atom_id res chain seq x y z
N SER A 16 -5.14 23.67 25.62
CA SER A 16 -5.50 22.46 26.37
C SER A 16 -5.34 21.21 25.50
N GLY A 17 -4.83 20.15 26.11
CA GLY A 17 -4.59 18.91 25.40
C GLY A 17 -5.69 17.89 25.59
N PRO A 18 -5.42 16.63 25.24
CA PRO A 18 -6.45 15.59 25.35
C PRO A 18 -6.83 15.28 26.79
N VAL A 19 -8.09 14.92 26.97
CA VAL A 19 -8.60 14.49 28.27
C VAL A 19 -7.99 13.14 28.63
N PRO A 20 -7.53 12.93 29.86
CA PRO A 20 -6.98 11.63 30.23
C PRO A 20 -8.05 10.55 30.28
N SER A 21 -7.60 9.31 30.26
CA SER A 21 -8.48 8.16 30.31
C SER A 21 -7.85 7.06 31.16
N ARG A 22 -8.71 6.24 31.78
CA ARG A 22 -8.30 5.09 32.57
C ARG A 22 -9.11 3.89 32.13
N ALA A 23 -8.48 2.72 32.19
CA ALA A 23 -9.21 1.47 31.91
C ALA A 23 -10.36 1.31 32.89
N ARG A 24 -11.52 0.85 32.37
CA ARG A 24 -12.70 0.60 33.19
C ARG A 24 -12.50 -0.55 34.16
N VAL A 25 -11.66 -1.53 33.79
CA VAL A 25 -11.43 -2.70 34.62
C VAL A 25 -9.94 -2.96 34.66
N TYR A 26 -9.52 -3.73 35.67
CA TYR A 26 -8.13 -4.15 35.82
C TYR A 26 -7.19 -2.94 35.81
N THR A 27 -7.68 -1.81 36.34
CA THR A 27 -6.99 -0.54 36.19
C THR A 27 -5.64 -0.54 36.88
N ASP A 28 -5.57 -1.09 38.10
CA ASP A 28 -4.41 -0.94 38.94
C ASP A 28 -3.70 -2.27 39.22
N VAL A 29 -3.91 -3.28 38.37
CA VAL A 29 -3.39 -4.61 38.69
C VAL A 29 -1.86 -4.62 38.69
N ASN A 30 -1.24 -3.87 37.78
CA ASN A 30 0.22 -3.84 37.79
C ASN A 30 0.77 -3.04 38.97
N THR A 31 0.06 -2.02 39.41
CA THR A 31 0.49 -1.23 40.55
C THR A 31 0.61 -2.08 41.80
N HIS A 32 -0.25 -3.10 41.94
CA HIS A 32 -0.27 -3.97 43.10
C HIS A 32 0.74 -5.11 43.00
N ARG A 33 1.43 -5.25 41.88
CA ARG A 33 2.46 -6.25 41.65
C ARG A 33 3.82 -5.72 42.09
N PRO A 34 4.76 -6.60 42.43
CA PRO A 34 6.16 -6.17 42.52
C PRO A 34 6.62 -5.68 41.15
N ARG A 35 7.50 -4.68 41.16
CA ARG A 35 7.85 -4.02 39.89
C ARG A 35 8.46 -5.00 38.91
N GLU A 36 9.13 -6.04 39.42
CA GLU A 36 9.74 -7.04 38.54
C GLU A 36 8.74 -7.71 37.61
N TYR A 37 7.46 -7.73 38.00
CA TYR A 37 6.43 -8.31 37.14
C TYR A 37 6.33 -7.57 35.82
N TRP A 38 6.37 -6.24 35.85
CA TRP A 38 6.12 -5.44 34.65
C TRP A 38 7.34 -4.64 34.18
N ASP A 39 8.39 -4.54 34.98
CA ASP A 39 9.59 -3.76 34.60
C ASP A 39 10.51 -4.65 33.76
N TYR A 40 10.08 -4.89 32.52
CA TYR A 40 10.74 -5.88 31.68
C TYR A 40 12.14 -5.44 31.24
N GLU A 41 12.45 -4.14 31.28
CA GLU A 41 13.79 -3.70 30.91
C GLU A 41 14.83 -4.33 31.81
N SER A 42 14.46 -4.63 33.04
CA SER A 42 15.35 -5.24 34.03
C SER A 42 15.29 -6.76 34.04
N HIS A 43 14.48 -7.37 33.17
CA HIS A 43 14.37 -8.83 33.14
C HIS A 43 15.66 -9.48 32.66
N VAL A 44 16.12 -10.51 33.37
CA VAL A 44 17.28 -11.32 32.97
C VAL A 44 16.75 -12.59 32.31
N VAL A 45 17.18 -12.84 31.07
CA VAL A 45 16.67 -13.97 30.29
C VAL A 45 17.34 -15.25 30.77
N GLU A 46 16.53 -16.30 30.98
CA GLU A 46 17.03 -17.64 31.31
C GLU A 46 17.12 -18.45 30.02
N TRP A 47 18.35 -18.83 29.64
CA TRP A 47 18.62 -19.46 28.36
C TRP A 47 18.67 -20.98 28.49
N GLY A 48 18.04 -21.66 27.52
CA GLY A 48 18.18 -23.09 27.34
C GLY A 48 19.34 -23.41 26.41
N ASN A 49 19.35 -24.66 25.94
CA ASN A 49 20.41 -25.19 25.08
C ASN A 49 19.82 -25.39 23.69
N GLN A 50 20.29 -24.58 22.72
CA GLN A 50 19.83 -24.75 21.34
C GLN A 50 20.16 -26.13 20.78
N ASP A 51 21.16 -26.82 21.35
CA ASP A 51 21.49 -28.17 20.90
C ASP A 51 20.47 -29.21 21.32
N ASP A 52 19.50 -28.85 22.17
CA ASP A 52 18.38 -29.74 22.44
C ASP A 52 17.43 -29.91 21.25
N TYR A 53 17.58 -29.07 20.22
CA TYR A 53 16.59 -28.97 19.15
C TYR A 53 17.24 -29.17 17.78
N GLN A 54 16.48 -29.76 16.87
CA GLN A 54 16.83 -29.82 15.46
C GLN A 54 15.68 -29.23 14.65
N LEU A 55 15.99 -28.36 13.70
CA LEU A 55 14.95 -27.78 12.86
C LEU A 55 14.53 -28.76 11.78
N VAL A 56 13.22 -28.87 11.57
CA VAL A 56 12.66 -29.84 10.63
C VAL A 56 12.32 -29.18 9.30
N ARG A 57 11.61 -28.06 9.34
CA ARG A 57 11.17 -27.39 8.12
C ARG A 57 10.71 -25.98 8.49
N LYS A 58 10.66 -25.12 7.48
CA LYS A 58 10.26 -23.74 7.70
C LYS A 58 8.74 -23.62 7.58
N LEU A 59 8.13 -22.92 8.53
CA LEU A 59 6.69 -22.70 8.52
C LEU A 59 6.30 -21.32 7.98
N GLY A 60 7.16 -20.33 8.12
CA GLY A 60 6.85 -19.01 7.59
C GLY A 60 7.93 -18.01 7.97
N ARG A 61 7.76 -16.80 7.45
CA ARG A 61 8.68 -15.72 7.77
C ARG A 61 7.89 -14.42 7.81
N GLY A 62 8.25 -13.54 8.75
CA GLY A 62 7.62 -12.24 8.86
C GLY A 62 8.66 -11.15 8.99
N LYS A 63 8.22 -9.92 9.26
CA LYS A 63 9.18 -8.82 9.44
C LYS A 63 10.04 -9.03 10.67
N TYR A 64 9.53 -9.72 11.70
CA TYR A 64 10.23 -9.83 12.97
C TYR A 64 10.80 -11.20 13.27
N SER A 65 10.54 -12.22 12.45
CA SER A 65 10.98 -13.56 12.80
C SER A 65 10.88 -14.48 11.60
N GLU A 66 11.57 -15.62 11.71
CA GLU A 66 11.34 -16.78 10.87
C GLU A 66 10.90 -17.92 11.76
N VAL A 67 9.94 -18.71 11.30
CA VAL A 67 9.27 -19.70 12.15
C VAL A 67 9.51 -21.08 11.57
N PHE A 68 9.92 -22.02 12.43
CA PHE A 68 10.27 -23.37 12.01
C PHE A 68 9.54 -24.39 12.87
N GLU A 69 9.21 -25.51 12.24
CA GLU A 69 8.91 -26.71 13.01
C GLU A 69 10.22 -27.35 13.43
N ALA A 70 10.26 -27.84 14.66
CA ALA A 70 11.47 -28.43 15.20
C ALA A 70 11.12 -29.61 16.07
N ILE A 71 12.17 -30.34 16.46
CA ILE A 71 12.06 -31.50 17.33
C ILE A 71 13.02 -31.31 18.49
N ASN A 72 12.51 -31.47 19.70
CA ASN A 72 13.37 -31.56 20.88
C ASN A 72 13.92 -32.97 20.95
N ILE A 73 15.21 -33.13 20.64
CA ILE A 73 15.82 -34.46 20.54
C ILE A 73 16.11 -35.08 21.90
N THR A 74 15.84 -34.38 23.00
CA THR A 74 15.98 -35.00 24.32
C THR A 74 14.72 -35.74 24.75
N ASN A 75 13.55 -35.37 24.20
CA ASN A 75 12.32 -36.07 24.55
C ASN A 75 11.40 -36.34 23.36
N ASN A 76 11.88 -36.14 22.13
CA ASN A 76 11.11 -36.40 20.91
C ASN A 76 9.81 -35.59 20.83
N GLU A 77 9.79 -34.42 21.44
CA GLU A 77 8.62 -33.55 21.38
C GLU A 77 8.72 -32.60 20.19
N LYS A 78 7.61 -32.46 19.46
CA LYS A 78 7.52 -31.46 18.41
C LYS A 78 7.33 -30.08 19.04
N VAL A 79 8.06 -29.09 18.53
CA VAL A 79 7.97 -27.72 19.01
C VAL A 79 7.96 -26.79 17.79
N VAL A 80 7.69 -25.53 18.06
CA VAL A 80 7.78 -24.46 17.06
C VAL A 80 8.86 -23.50 17.54
N VAL A 81 9.75 -23.11 16.63
CA VAL A 81 10.89 -22.25 16.94
C VAL A 81 10.73 -20.97 16.16
N LYS A 82 10.73 -19.85 16.86
CA LYS A 82 10.64 -18.53 16.24
C LYS A 82 11.99 -17.86 16.42
N ILE A 83 12.76 -17.79 15.34
CA ILE A 83 14.07 -17.16 15.36
C ILE A 83 13.86 -15.68 15.10
N LEU A 84 14.20 -14.85 16.07
CA LEU A 84 13.90 -13.43 16.02
C LEU A 84 14.86 -12.70 15.09
N LYS A 85 14.33 -11.76 14.32
CA LYS A 85 15.20 -10.85 13.60
C LYS A 85 15.71 -9.78 14.54
N PRO A 86 16.82 -9.12 14.21
CA PRO A 86 17.37 -8.10 15.11
C PRO A 86 16.36 -7.04 15.51
N VAL A 87 16.11 -6.92 16.82
CA VAL A 87 15.22 -5.92 17.38
C VAL A 87 15.82 -5.48 18.72
N LYS A 88 15.38 -4.32 19.21
CA LYS A 88 15.91 -3.78 20.45
C LYS A 88 15.78 -4.80 21.58
N LYS A 89 16.84 -4.91 22.39
CA LYS A 89 16.85 -5.93 23.42
C LYS A 89 15.67 -5.78 24.38
N LYS A 90 15.22 -4.55 24.65
CA LYS A 90 14.12 -4.37 25.60
C LYS A 90 12.80 -4.88 25.03
N LYS A 91 12.64 -4.91 23.71
CA LYS A 91 11.43 -5.49 23.13
C LYS A 91 11.44 -7.02 23.18
N ILE A 92 12.61 -7.64 23.07
CA ILE A 92 12.67 -9.08 23.28
C ILE A 92 12.38 -9.41 24.74
N LYS A 93 12.96 -8.65 25.66
CA LYS A 93 12.68 -8.83 27.07
C LYS A 93 11.20 -8.66 27.37
N ARG A 94 10.56 -7.69 26.70
CA ARG A 94 9.13 -7.47 26.92
C ARG A 94 8.30 -8.69 26.51
N GLU A 95 8.55 -9.22 25.30
CA GLU A 95 7.79 -10.39 24.85
C GLU A 95 8.05 -11.59 25.74
N ILE A 96 9.31 -11.80 26.14
CA ILE A 96 9.63 -12.93 27.01
C ILE A 96 8.93 -12.78 28.35
N LYS A 97 9.01 -11.59 28.95
CA LYS A 97 8.42 -11.40 30.27
C LYS A 97 6.90 -11.61 30.22
N ILE A 98 6.25 -11.10 29.18
CA ILE A 98 4.81 -11.27 29.04
C ILE A 98 4.46 -12.73 28.83
N LEU A 99 5.22 -13.44 27.98
CA LEU A 99 4.96 -14.86 27.77
C LEU A 99 5.14 -15.65 29.06
N GLU A 100 6.17 -15.32 29.84
CA GLU A 100 6.37 -16.01 31.12
C GLU A 100 5.27 -15.66 32.10
N ASN A 101 4.84 -14.40 32.13
CA ASN A 101 3.79 -14.00 33.07
C ASN A 101 2.46 -14.70 32.76
N LEU A 102 2.15 -14.88 31.47
CA LEU A 102 0.88 -15.45 31.06
C LEU A 102 0.92 -16.98 30.93
N ARG A 103 2.08 -17.61 31.11
CA ARG A 103 2.20 -19.03 30.82
C ARG A 103 1.25 -19.85 31.71
N GLY A 104 0.57 -20.82 31.09
CA GLY A 104 -0.41 -21.61 31.77
C GLY A 104 -1.81 -21.01 31.79
N GLY A 105 -1.99 -19.79 31.30
CA GLY A 105 -3.31 -19.19 31.22
C GLY A 105 -4.13 -19.81 30.09
N PRO A 106 -5.46 -19.66 30.16
CA PRO A 106 -6.32 -20.34 29.19
C PRO A 106 -6.08 -19.85 27.77
N ASN A 107 -5.77 -20.80 26.89
CA ASN A 107 -5.61 -20.54 25.46
C ASN A 107 -4.48 -19.56 25.13
N ILE A 108 -3.52 -19.40 26.03
CA ILE A 108 -2.30 -18.64 25.77
C ILE A 108 -1.23 -19.60 25.29
N ILE A 109 -0.55 -19.26 24.19
CA ILE A 109 0.54 -20.12 23.71
C ILE A 109 1.57 -20.28 24.81
N THR A 110 2.09 -21.50 24.96
CA THR A 110 3.06 -21.83 26.01
C THR A 110 4.48 -21.66 25.47
N LEU A 111 5.25 -20.73 26.07
CA LEU A 111 6.68 -20.61 25.78
C LEU A 111 7.42 -21.73 26.50
N ALA A 112 8.07 -22.61 25.74
CA ALA A 112 8.73 -23.77 26.33
C ALA A 112 10.21 -23.54 26.63
N ASP A 113 10.87 -22.69 25.86
CA ASP A 113 12.32 -22.55 26.01
C ASP A 113 12.74 -21.27 25.30
N ILE A 114 13.94 -20.80 25.63
CA ILE A 114 14.55 -19.64 24.99
C ILE A 114 16.00 -20.01 24.74
N VAL A 115 16.44 -19.94 23.48
CA VAL A 115 17.79 -20.34 23.11
C VAL A 115 18.40 -19.27 22.21
N LYS A 116 19.69 -19.40 21.96
CA LYS A 116 20.40 -18.47 21.09
C LYS A 116 20.79 -19.19 19.81
N ASP A 117 20.31 -18.69 18.68
CA ASP A 117 20.62 -19.27 17.38
C ASP A 117 22.12 -19.21 17.10
N PRO A 118 22.79 -20.33 16.88
CA PRO A 118 24.24 -20.28 16.62
C PRO A 118 24.60 -19.54 15.34
N VAL A 119 23.71 -19.51 14.34
CA VAL A 119 24.04 -18.88 13.07
C VAL A 119 24.01 -17.37 13.20
N SER A 120 22.85 -16.81 13.52
CA SER A 120 22.69 -15.36 13.59
C SER A 120 23.00 -14.78 14.97
N ARG A 121 23.25 -15.63 15.96
CA ARG A 121 23.51 -15.21 17.35
C ARG A 121 22.34 -14.45 17.95
N THR A 122 21.17 -14.58 17.36
CA THR A 122 19.95 -13.93 17.79
C THR A 122 19.18 -14.86 18.73
N PRO A 123 18.25 -14.33 19.52
CA PRO A 123 17.44 -15.21 20.37
C PRO A 123 16.39 -15.94 19.55
N ALA A 124 16.01 -17.12 20.03
CA ALA A 124 14.94 -17.91 19.44
C ALA A 124 14.01 -18.37 20.55
N LEU A 125 12.71 -18.17 20.33
CA LEU A 125 11.69 -18.59 21.27
C LEU A 125 11.17 -19.95 20.84
N VAL A 126 11.03 -20.86 21.81
CA VAL A 126 10.56 -22.21 21.54
C VAL A 126 9.17 -22.35 22.14
N PHE A 127 8.19 -22.69 21.31
CA PHE A 127 6.79 -22.75 21.74
C PHE A 127 6.27 -24.18 21.66
N GLU A 128 5.23 -24.46 22.46
CA GLU A 128 4.45 -25.67 22.26
C GLU A 128 3.94 -25.74 20.83
N HIS A 129 3.88 -26.94 20.29
CA HIS A 129 3.37 -27.14 18.94
C HIS A 129 1.84 -27.23 18.97
N VAL A 130 1.20 -26.56 18.02
CA VAL A 130 -0.24 -26.69 17.78
C VAL A 130 -0.42 -27.24 16.37
N ASN A 131 -1.17 -28.33 16.25
CA ASN A 131 -1.42 -28.91 14.94
C ASN A 131 -2.47 -28.05 14.26
N ASN A 132 -2.01 -27.03 13.55
CA ASN A 132 -2.88 -26.03 12.95
C ASN A 132 -3.81 -26.68 11.93
N THR A 133 -5.04 -26.18 11.86
CA THR A 133 -6.03 -26.67 10.92
C THR A 133 -5.97 -25.88 9.62
N ASP A 134 -6.04 -26.60 8.49
CA ASP A 134 -6.08 -25.92 7.20
C ASP A 134 -7.29 -25.01 7.15
N PHE A 135 -7.05 -23.71 7.11
CA PHE A 135 -8.14 -22.76 7.29
C PHE A 135 -8.90 -22.52 5.99
N LYS A 136 -8.31 -22.87 4.85
CA LYS A 136 -9.05 -22.83 3.59
C LYS A 136 -10.27 -23.73 3.65
N GLN A 137 -10.13 -24.93 4.24
CA GLN A 137 -11.28 -25.80 4.46
C GLN A 137 -12.14 -25.29 5.62
N LEU A 138 -11.51 -24.82 6.70
CA LEU A 138 -12.26 -24.38 7.88
C LEU A 138 -13.29 -23.32 7.52
N TYR A 139 -12.89 -22.31 6.73
CA TYR A 139 -13.81 -21.24 6.39
C TYR A 139 -14.88 -21.69 5.42
N GLN A 140 -14.61 -22.72 4.62
CA GLN A 140 -15.62 -23.20 3.66
C GLN A 140 -16.77 -23.87 4.39
N THR A 141 -16.49 -24.59 5.47
CA THR A 141 -17.50 -25.34 6.22
C THR A 141 -17.80 -24.71 7.58
N LEU A 142 -17.33 -23.50 7.81
CA LEU A 142 -17.51 -22.84 9.11
C LEU A 142 -18.99 -22.70 9.45
N THR A 143 -19.35 -23.06 10.67
CA THR A 143 -20.73 -22.97 11.11
C THR A 143 -20.90 -21.81 12.10
N ASP A 144 -22.16 -21.44 12.30
CA ASP A 144 -22.52 -20.46 13.30
C ASP A 144 -21.95 -20.86 14.67
N TYR A 145 -22.14 -22.13 15.05
CA TYR A 145 -21.65 -22.57 16.35
C TYR A 145 -20.13 -22.53 16.44
N ASP A 146 -19.43 -22.87 15.35
CA ASP A 146 -17.96 -22.79 15.38
C ASP A 146 -17.49 -21.39 15.74
N ILE A 147 -18.09 -20.37 15.11
CA ILE A 147 -17.66 -19.00 15.35
C ILE A 147 -17.93 -18.61 16.80
N ARG A 148 -19.12 -18.93 17.32
CA ARG A 148 -19.40 -18.63 18.72
C ARG A 148 -18.43 -19.35 19.65
N PHE A 149 -18.13 -20.62 19.35
CA PHE A 149 -17.25 -21.39 20.22
C PHE A 149 -15.84 -20.80 20.24
N TYR A 150 -15.27 -20.52 19.07
CA TYR A 150 -13.89 -20.03 19.05
C TYR A 150 -13.76 -18.59 19.50
N MET A 151 -14.78 -17.76 19.25
N MET A 151 -14.77 -17.76 19.23
CA MET A 151 -14.74 -16.41 19.81
CA MET A 151 -14.78 -16.41 19.81
C MET A 151 -14.79 -16.42 21.33
C MET A 151 -14.73 -16.47 21.32
N TYR A 152 -15.49 -17.39 21.91
CA TYR A 152 -15.50 -17.54 23.36
C TYR A 152 -14.15 -17.99 23.87
N GLU A 153 -13.48 -18.89 23.12
CA GLU A 153 -12.13 -19.31 23.50
C GLU A 153 -11.15 -18.14 23.45
N ILE A 154 -11.27 -17.28 22.44
CA ILE A 154 -10.40 -16.10 22.37
C ILE A 154 -10.67 -15.16 23.53
N LEU A 155 -11.94 -14.99 23.89
CA LEU A 155 -12.30 -14.12 25.01
C LEU A 155 -11.73 -14.62 26.33
N LYS A 156 -11.63 -15.95 26.51
CA LYS A 156 -10.94 -16.48 27.69
C LYS A 156 -9.50 -15.98 27.74
N ALA A 157 -8.79 -16.01 26.61
CA ALA A 157 -7.39 -15.58 26.61
C ALA A 157 -7.28 -14.10 26.88
N LEU A 158 -8.19 -13.30 26.30
CA LEU A 158 -8.15 -11.86 26.46
C LEU A 158 -8.53 -11.45 27.87
N ASP A 159 -9.60 -12.04 28.44
CA ASP A 159 -9.92 -11.72 29.82
C ASP A 159 -8.77 -12.08 30.76
N TYR A 160 -8.11 -13.21 30.50
CA TYR A 160 -6.97 -13.59 31.32
C TYR A 160 -5.84 -12.58 31.21
N CYS A 161 -5.40 -12.26 29.98
CA CYS A 161 -4.23 -11.39 29.87
C CYS A 161 -4.54 -9.97 30.36
N HIS A 162 -5.75 -9.46 30.10
CA HIS A 162 -6.16 -8.18 30.68
C HIS A 162 -6.16 -8.23 32.20
N SER A 163 -6.73 -9.30 32.79
CA SER A 163 -6.71 -9.43 34.23
C SER A 163 -5.29 -9.52 34.78
N MET A 164 -4.34 -9.94 33.95
CA MET A 164 -2.94 -9.99 34.30
C MET A 164 -2.20 -8.71 33.92
N GLY A 165 -2.94 -7.65 33.57
CA GLY A 165 -2.34 -6.34 33.30
C GLY A 165 -1.69 -6.18 31.95
N ILE A 166 -2.09 -6.96 30.94
CA ILE A 166 -1.41 -6.99 29.64
C ILE A 166 -2.42 -6.77 28.53
N MET A 167 -2.09 -5.88 27.60
CA MET A 167 -2.81 -5.68 26.34
C MET A 167 -2.08 -6.44 25.24
N HIS A 168 -2.82 -7.20 24.44
CA HIS A 168 -2.17 -7.93 23.34
C HIS A 168 -1.75 -6.99 22.22
N ARG A 169 -2.67 -6.12 21.78
CA ARG A 169 -2.48 -5.06 20.80
C ARG A 169 -2.27 -5.55 19.38
N ASP A 170 -2.45 -6.84 19.09
CA ASP A 170 -2.29 -7.33 17.71
C ASP A 170 -3.26 -8.48 17.46
N VAL A 171 -4.48 -8.35 17.98
CA VAL A 171 -5.50 -9.39 17.79
C VAL A 171 -5.95 -9.36 16.33
N LYS A 172 -5.82 -10.49 15.65
CA LYS A 172 -6.24 -10.65 14.26
C LYS A 172 -6.20 -12.13 13.93
N PRO A 173 -6.89 -12.56 12.85
CA PRO A 173 -6.95 -14.01 12.58
C PRO A 173 -5.61 -14.69 12.46
N HIS A 174 -4.60 -14.00 11.91
CA HIS A 174 -3.28 -14.61 11.74
C HIS A 174 -2.68 -15.04 13.08
N ASN A 175 -3.07 -14.40 14.17
CA ASN A 175 -2.48 -14.69 15.47
C ASN A 175 -3.34 -15.61 16.32
N VAL A 176 -4.28 -16.31 15.70
CA VAL A 176 -5.14 -17.27 16.37
C VAL A 176 -4.91 -18.63 15.73
N MET A 177 -4.27 -19.53 16.47
CA MET A 177 -4.04 -20.90 16.04
C MET A 177 -5.21 -21.77 16.47
N ILE A 178 -5.70 -22.59 15.56
CA ILE A 178 -6.84 -23.48 15.84
C ILE A 178 -6.49 -24.88 15.37
N ASP A 179 -6.43 -25.82 16.32
CA ASP A 179 -6.45 -27.26 16.04
C ASP A 179 -7.91 -27.68 16.10
N HIS A 180 -8.57 -27.67 14.95
CA HIS A 180 -10.02 -27.87 14.91
C HIS A 180 -10.42 -29.27 15.34
N GLU A 181 -9.60 -30.27 15.02
CA GLU A 181 -9.91 -31.65 15.41
C GLU A 181 -10.11 -31.77 16.90
N HIS A 182 -9.31 -31.06 17.69
CA HIS A 182 -9.37 -31.11 19.15
C HIS A 182 -10.01 -29.87 19.75
N ARG A 183 -10.68 -29.06 18.93
CA ARG A 183 -11.32 -27.82 19.38
C ARG A 183 -10.38 -27.01 20.28
N LYS A 184 -9.11 -26.94 19.86
CA LYS A 184 -8.05 -26.33 20.64
C LYS A 184 -7.61 -25.04 19.97
N LEU A 185 -7.58 -23.95 20.73
CA LEU A 185 -7.24 -22.62 20.22
C LEU A 185 -6.14 -22.01 21.06
N ARG A 186 -5.20 -21.31 20.40
CA ARG A 186 -4.13 -20.61 21.10
C ARG A 186 -3.94 -19.23 20.51
N LEU A 187 -3.81 -18.22 21.37
CA LEU A 187 -3.49 -16.86 20.95
C LEU A 187 -1.98 -16.70 20.94
N ILE A 188 -1.42 -16.32 19.80
CA ILE A 188 0.03 -16.26 19.64
C ILE A 188 0.50 -14.85 19.34
N ASP A 189 1.80 -14.72 19.07
CA ASP A 189 2.53 -13.50 18.74
C ASP A 189 2.26 -12.36 19.70
N TRP A 190 2.93 -12.43 20.84
CA TRP A 190 2.86 -11.42 21.89
C TRP A 190 3.96 -10.37 21.77
N GLY A 191 4.58 -10.24 20.59
CA GLY A 191 5.67 -9.30 20.42
C GLY A 191 5.25 -7.84 20.42
N LEU A 192 3.96 -7.56 20.23
CA LEU A 192 3.46 -6.20 20.34
C LEU A 192 2.77 -5.92 21.66
N ALA A 193 2.64 -6.92 22.52
CA ALA A 193 1.88 -6.73 23.76
C ALA A 193 2.62 -5.81 24.71
N GLU A 194 1.86 -5.19 25.62
N GLU A 194 1.86 -5.12 25.57
CA GLU A 194 2.42 -4.20 26.53
CA GLU A 194 2.44 -4.24 26.56
C GLU A 194 1.62 -4.20 27.83
C GLU A 194 1.69 -4.39 27.88
N PHE A 195 2.31 -3.87 28.93
CA PHE A 195 1.68 -3.78 30.24
C PHE A 195 0.88 -2.48 30.35
N TYR A 196 -0.33 -2.60 30.91
CA TYR A 196 -1.17 -1.42 31.11
C TYR A 196 -0.82 -0.75 32.43
N HIS A 197 -0.54 0.55 32.39
CA HIS A 197 -0.31 1.36 33.58
C HIS A 197 -1.20 2.59 33.45
N PRO A 198 -2.00 2.90 34.47
CA PRO A 198 -2.88 4.08 34.37
C PRO A 198 -2.09 5.36 34.15
N GLY A 199 -2.50 6.11 33.13
CA GLY A 199 -1.85 7.37 32.79
C GLY A 199 -0.72 7.25 31.78
N GLN A 200 -0.31 6.04 31.42
CA GLN A 200 0.77 5.87 30.45
C GLN A 200 0.25 6.12 29.04
N GLU A 201 1.05 6.81 28.25
CA GLU A 201 0.76 7.07 26.85
C GLU A 201 1.53 6.07 26.00
N TYR A 202 0.83 5.37 25.12
CA TYR A 202 1.39 4.27 24.37
C TYR A 202 1.61 4.66 22.91
N ASN A 203 2.47 3.90 22.24
CA ASN A 203 2.70 4.06 20.82
C ASN A 203 1.44 3.66 20.05
N VAL A 204 0.97 4.54 19.16
CA VAL A 204 -0.24 4.22 18.40
C VAL A 204 0.06 3.46 17.11
N ARG A 205 1.34 3.28 16.77
CA ARG A 205 1.70 2.52 15.57
C ARG A 205 1.85 1.05 15.93
N VAL A 206 0.71 0.45 16.30
CA VAL A 206 0.62 -0.96 16.63
C VAL A 206 -0.53 -1.56 15.83
N ALA A 207 -0.55 -2.90 15.77
CA ALA A 207 -1.59 -3.68 15.11
C ALA A 207 -1.59 -3.52 13.59
N SER A 208 -2.19 -4.49 12.91
CA SER A 208 -2.39 -4.40 11.47
C SER A 208 -3.45 -3.35 11.14
N ARG A 209 -3.28 -2.71 9.98
CA ARG A 209 -4.15 -1.60 9.58
C ARG A 209 -5.63 -1.91 9.77
N TYR A 210 -6.08 -3.06 9.27
CA TYR A 210 -7.51 -3.36 9.25
C TYR A 210 -8.09 -3.57 10.63
N PHE A 211 -7.26 -3.77 11.66
CA PHE A 211 -7.73 -4.04 13.01
C PHE A 211 -7.43 -2.91 13.96
N LYS A 212 -6.85 -1.80 13.48
CA LYS A 212 -6.54 -0.67 14.33
C LYS A 212 -7.81 -0.03 14.86
N GLY A 213 -7.87 0.18 16.16
CA GLY A 213 -8.96 0.90 16.77
C GLY A 213 -8.93 2.37 16.42
N PRO A 214 -10.09 3.03 16.52
CA PRO A 214 -10.14 4.48 16.27
C PRO A 214 -9.18 5.29 17.14
N GLU A 215 -8.93 4.86 18.38
CA GLU A 215 -7.97 5.60 19.21
C GLU A 215 -6.60 5.62 18.56
N LEU A 216 -6.21 4.54 17.87
CA LEU A 216 -4.92 4.55 17.19
C LEU A 216 -4.94 5.47 15.98
N LEU A 217 -6.08 5.52 15.28
CA LEU A 217 -6.15 6.25 14.03
C LEU A 217 -6.23 7.76 14.24
N VAL A 218 -6.76 8.21 15.38
CA VAL A 218 -6.80 9.64 15.72
C VAL A 218 -5.66 10.03 16.65
N ASP A 219 -4.72 9.11 16.92
CA ASP A 219 -3.54 9.39 17.73
C ASP A 219 -3.89 9.77 19.16
N TYR A 220 -4.75 8.97 19.79
CA TYR A 220 -5.05 9.10 21.21
C TYR A 220 -4.23 8.04 21.95
N GLN A 221 -3.23 8.50 22.71
CA GLN A 221 -2.22 7.57 23.19
C GLN A 221 -2.55 6.93 24.53
N MET A 222 -3.50 7.47 25.30
CA MET A 222 -3.76 6.94 26.64
C MET A 222 -4.85 5.86 26.59
N TYR A 223 -4.58 4.82 25.80
CA TYR A 223 -5.53 3.74 25.55
C TYR A 223 -5.27 2.55 26.50
N ASP A 224 -6.10 1.51 26.39
CA ASP A 224 -6.03 0.41 27.36
C ASP A 224 -6.49 -0.90 26.71
N TYR A 225 -6.84 -1.88 27.56
CA TYR A 225 -7.27 -3.21 27.13
C TYR A 225 -8.36 -3.16 26.08
N SER A 226 -9.23 -2.14 26.12
CA SER A 226 -10.36 -2.06 25.22
C SER A 226 -9.93 -1.98 23.76
N LEU A 227 -8.67 -1.64 23.49
CA LEU A 227 -8.14 -1.73 22.13
C LEU A 227 -8.31 -3.13 21.56
N ASP A 228 -7.99 -4.16 22.35
CA ASP A 228 -8.15 -5.54 21.89
C ASP A 228 -9.59 -5.87 21.54
N MET A 229 -10.55 -5.21 22.21
CA MET A 229 -11.95 -5.51 21.96
C MET A 229 -12.42 -4.93 20.63
N TRP A 230 -11.88 -3.78 20.21
CA TRP A 230 -12.14 -3.32 18.86
C TRP A 230 -11.65 -4.33 17.83
N SER A 231 -10.39 -4.76 17.95
CA SER A 231 -9.83 -5.72 17.00
C SER A 231 -10.65 -7.00 16.97
N LEU A 232 -11.12 -7.46 18.13
CA LEU A 232 -11.96 -8.64 18.17
C LEU A 232 -13.27 -8.41 17.43
N GLY A 233 -13.84 -7.21 17.54
CA GLY A 233 -15.05 -6.90 16.78
C GLY A 233 -14.82 -6.92 15.27
N CYS A 234 -13.65 -6.41 14.84
CA CYS A 234 -13.29 -6.47 13.43
C CYS A 234 -13.20 -7.91 12.94
N MET A 235 -12.60 -8.78 13.76
CA MET A 235 -12.49 -10.19 13.40
C MET A 235 -13.87 -10.83 13.32
N LEU A 236 -14.72 -10.54 14.31
CA LEU A 236 -16.07 -11.11 14.32
C LEU A 236 -16.86 -10.67 13.10
N ALA A 237 -16.80 -9.39 12.74
CA ALA A 237 -17.52 -8.91 11.55
C ALA A 237 -17.05 -9.66 10.29
N SER A 238 -15.74 -9.85 10.14
CA SER A 238 -15.25 -10.56 8.96
C SER A 238 -15.74 -12.00 8.94
N MET A 239 -15.86 -12.64 10.10
CA MET A 239 -16.31 -14.03 10.16
C MET A 239 -17.79 -14.16 9.79
N ILE A 240 -18.66 -13.39 10.46
CA ILE A 240 -20.09 -13.62 10.25
C ILE A 240 -20.54 -13.07 8.92
N PHE A 241 -19.89 -12.03 8.40
CA PHE A 241 -20.29 -11.49 7.10
C PHE A 241 -19.47 -12.09 5.96
N ARG A 242 -18.44 -12.90 6.25
CA ARG A 242 -17.57 -13.47 5.22
C ARG A 242 -17.02 -12.37 4.33
N LYS A 243 -16.43 -11.36 4.97
CA LYS A 243 -15.88 -10.19 4.29
C LYS A 243 -14.57 -9.86 4.99
N GLU A 244 -13.46 -10.26 4.38
CA GLU A 244 -12.13 -10.07 4.95
C GLU A 244 -11.30 -9.19 4.01
N PRO A 245 -10.80 -8.04 4.48
CA PRO A 245 -11.08 -7.49 5.81
C PRO A 245 -12.42 -6.75 5.83
N PHE A 246 -12.98 -6.52 7.02
CA PHE A 246 -14.26 -5.84 7.08
C PHE A 246 -14.12 -4.35 6.79
N PHE A 247 -13.21 -3.67 7.50
CA PHE A 247 -12.85 -2.28 7.22
C PHE A 247 -11.56 -2.32 6.39
N HIS A 248 -11.69 -2.06 5.09
CA HIS A 248 -10.59 -2.26 4.14
C HIS A 248 -10.02 -0.90 3.71
N GLY A 249 -9.26 -0.27 4.60
CA GLY A 249 -8.67 1.01 4.29
C GLY A 249 -7.42 0.90 3.42
N HIS A 250 -7.17 1.95 2.63
CA HIS A 250 -5.98 2.03 1.78
C HIS A 250 -4.74 2.44 2.55
N ASP A 251 -4.94 3.15 3.66
CA ASP A 251 -3.86 3.64 4.50
C ASP A 251 -4.48 3.95 5.85
N ASN A 252 -3.67 4.44 6.78
CA ASN A 252 -4.19 4.68 8.12
C ASN A 252 -5.27 5.76 8.12
N TYR A 253 -5.13 6.77 7.26
CA TYR A 253 -6.16 7.80 7.17
C TYR A 253 -7.46 7.24 6.58
N ASP A 254 -7.35 6.54 5.45
CA ASP A 254 -8.53 5.98 4.82
C ASP A 254 -9.16 4.91 5.69
N GLN A 255 -8.38 4.27 6.56
CA GLN A 255 -8.95 3.27 7.47
C GLN A 255 -10.02 3.89 8.36
N LEU A 256 -9.79 5.12 8.84
CA LEU A 256 -10.81 5.76 9.67
C LEU A 256 -12.01 6.19 8.84
N VAL A 257 -11.80 6.54 7.57
CA VAL A 257 -12.92 6.85 6.71
C VAL A 257 -13.79 5.62 6.50
N ARG A 258 -13.16 4.45 6.29
CA ARG A 258 -13.93 3.23 6.12
C ARG A 258 -14.79 2.93 7.34
N ILE A 259 -14.23 3.13 8.54
CA ILE A 259 -15.01 2.94 9.76
C ILE A 259 -16.16 3.94 9.82
N ALA A 260 -15.88 5.20 9.49
CA ALA A 260 -16.89 6.25 9.59
C ALA A 260 -18.03 6.04 8.60
N LYS A 261 -17.76 5.39 7.47
CA LYS A 261 -18.83 5.11 6.53
C LYS A 261 -19.79 4.06 7.07
N VAL A 262 -19.38 3.30 8.08
CA VAL A 262 -20.23 2.31 8.72
C VAL A 262 -20.78 2.83 10.04
N LEU A 263 -19.90 3.28 10.94
CA LEU A 263 -20.35 3.74 12.26
C LEU A 263 -20.90 5.16 12.24
N GLY A 264 -20.74 5.89 11.15
CA GLY A 264 -21.23 7.27 11.08
C GLY A 264 -20.24 8.27 11.64
N THR A 265 -20.35 9.52 11.17
CA THR A 265 -19.43 10.56 11.61
C THR A 265 -19.90 11.28 12.87
N GLU A 266 -21.18 11.18 13.24
CA GLU A 266 -21.66 11.90 14.42
C GLU A 266 -21.01 11.36 15.68
N ASP A 267 -21.03 10.05 15.85
CA ASP A 267 -20.42 9.45 17.03
C ASP A 267 -18.90 9.64 17.02
N LEU A 268 -18.31 9.75 15.84
CA LEU A 268 -16.87 10.02 15.76
C LEU A 268 -16.55 11.41 16.31
N TYR A 269 -17.29 12.42 15.85
CA TYR A 269 -17.03 13.78 16.33
C TYR A 269 -17.45 13.94 17.78
N ASP A 270 -18.46 13.19 18.23
CA ASP A 270 -18.76 13.17 19.67
C ASP A 270 -17.60 12.60 20.47
N TYR A 271 -16.97 11.53 19.94
CA TYR A 271 -15.79 10.95 20.58
C TYR A 271 -14.63 11.93 20.60
N ILE A 272 -14.32 12.54 19.45
CA ILE A 272 -13.26 13.55 19.35
C ILE A 272 -13.49 14.66 20.37
N ASP A 273 -14.72 15.17 20.45
CA ASP A 273 -15.00 16.25 21.37
C ASP A 273 -14.88 15.80 22.82
N LYS A 274 -15.34 14.59 23.13
CA LYS A 274 -15.31 14.11 24.52
C LYS A 274 -13.88 14.08 25.05
N TYR A 275 -12.93 13.61 24.23
CA TYR A 275 -11.55 13.50 24.69
C TYR A 275 -10.69 14.68 24.24
N ASN A 276 -11.30 15.72 23.66
CA ASN A 276 -10.59 16.91 23.22
C ASN A 276 -9.39 16.52 22.34
N ILE A 277 -9.65 15.60 21.42
CA ILE A 277 -8.61 15.09 20.53
C ILE A 277 -8.38 16.10 19.41
N GLU A 278 -7.13 16.47 19.19
CA GLU A 278 -6.78 17.33 18.07
C GLU A 278 -6.65 16.46 16.83
N LEU A 279 -7.58 16.60 15.90
CA LEU A 279 -7.63 15.72 14.75
C LEU A 279 -6.65 16.21 13.67
N ASP A 280 -5.85 15.29 13.15
CA ASP A 280 -4.94 15.61 12.06
C ASP A 280 -5.69 16.32 10.94
N PRO A 281 -5.23 17.48 10.47
CA PRO A 281 -5.99 18.24 9.46
C PRO A 281 -6.20 17.50 8.14
N ARG A 282 -5.46 16.43 7.88
CA ARG A 282 -5.73 15.62 6.69
C ARG A 282 -7.14 15.06 6.70
N PHE A 283 -7.67 14.73 7.88
CA PHE A 283 -8.99 14.12 7.97
C PHE A 283 -10.11 15.07 7.57
N ASN A 284 -9.86 16.39 7.57
CA ASN A 284 -10.94 17.34 7.35
C ASN A 284 -11.64 17.11 6.01
N ASP A 285 -10.86 16.97 4.94
CA ASP A 285 -11.41 16.89 3.59
C ASP A 285 -11.66 15.46 3.13
N ILE A 286 -11.55 14.47 4.01
CA ILE A 286 -11.80 13.08 3.60
C ILE A 286 -12.84 12.38 4.46
N LEU A 287 -13.08 12.81 5.71
CA LEU A 287 -14.05 12.12 6.56
C LEU A 287 -15.48 12.38 6.09
N GLY A 288 -15.77 13.62 5.66
CA GLY A 288 -17.09 13.93 5.17
C GLY A 288 -18.16 13.78 6.24
N ARG A 289 -19.37 13.46 5.78
CA ARG A 289 -20.54 13.28 6.63
C ARG A 289 -21.18 11.95 6.25
N HIS A 290 -21.34 11.06 7.23
CA HIS A 290 -21.92 9.76 6.96
C HIS A 290 -22.86 9.36 8.09
N SER A 291 -24.00 8.79 7.71
CA SER A 291 -24.91 8.23 8.68
C SER A 291 -24.38 6.91 9.21
N ARG A 292 -24.87 6.53 10.38
CA ARG A 292 -24.59 5.22 10.94
C ARG A 292 -25.43 4.18 10.21
N LYS A 293 -24.78 3.17 9.63
CA LYS A 293 -25.48 2.18 8.83
C LYS A 293 -26.01 1.04 9.70
N ARG A 294 -27.06 0.40 9.22
CA ARG A 294 -27.59 -0.79 9.86
C ARG A 294 -26.84 -2.02 9.36
N TRP A 295 -26.55 -2.95 10.28
CA TRP A 295 -25.74 -4.11 9.93
C TRP A 295 -26.38 -4.98 8.85
N GLU A 296 -27.70 -4.84 8.65
CA GLU A 296 -28.39 -5.64 7.63
C GLU A 296 -27.81 -5.44 6.24
N ARG A 297 -27.16 -4.30 5.98
CA ARG A 297 -26.66 -4.06 4.63
C ARG A 297 -25.48 -4.95 4.25
N PHE A 298 -24.91 -5.67 5.23
CA PHE A 298 -23.84 -6.61 4.97
C PHE A 298 -24.32 -8.05 4.94
N VAL A 299 -25.62 -8.27 5.12
CA VAL A 299 -26.18 -9.62 5.15
C VAL A 299 -26.70 -9.96 3.77
N HIS A 300 -26.37 -11.17 3.30
CA HIS A 300 -26.82 -11.66 2.01
C HIS A 300 -26.93 -13.18 2.08
N SER A 301 -27.32 -13.78 0.96
CA SER A 301 -27.65 -15.21 0.94
C SER A 301 -26.48 -16.10 1.30
N GLU A 302 -25.25 -15.63 1.10
CA GLU A 302 -24.06 -16.46 1.34
C GLU A 302 -23.55 -16.39 2.78
N ASN A 303 -24.00 -15.43 3.60
CA ASN A 303 -23.56 -15.36 4.99
C ASN A 303 -24.69 -15.38 6.00
N GLN A 304 -25.96 -15.47 5.56
CA GLN A 304 -27.07 -15.32 6.49
C GLN A 304 -27.10 -16.42 7.55
N HIS A 305 -26.54 -17.58 7.24
CA HIS A 305 -26.50 -18.67 8.21
C HIS A 305 -25.57 -18.37 9.39
N LEU A 306 -24.71 -17.36 9.28
CA LEU A 306 -23.80 -16.98 10.34
C LEU A 306 -24.26 -15.73 11.10
N VAL A 307 -25.30 -15.07 10.63
CA VAL A 307 -25.76 -13.81 11.20
C VAL A 307 -27.06 -14.06 11.96
N SER A 308 -27.15 -13.48 13.15
CA SER A 308 -28.33 -13.61 13.98
C SER A 308 -28.51 -12.29 14.73
N PRO A 309 -29.72 -12.02 15.23
CA PRO A 309 -29.88 -10.83 16.09
C PRO A 309 -28.88 -10.79 17.24
N GLU A 310 -28.59 -11.96 17.84
CA GLU A 310 -27.61 -12.00 18.92
C GLU A 310 -26.21 -11.62 18.43
N ALA A 311 -25.81 -12.13 17.27
CA ALA A 311 -24.50 -11.78 16.75
C ALA A 311 -24.39 -10.28 16.46
N LEU A 312 -25.47 -9.69 15.92
CA LEU A 312 -25.41 -8.27 15.58
C LEU A 312 -25.43 -7.40 16.82
N ASP A 313 -26.19 -7.79 17.84
CA ASP A 313 -26.18 -7.04 19.09
C ASP A 313 -24.80 -7.07 19.73
N PHE A 314 -24.18 -8.25 19.76
CA PHE A 314 -22.83 -8.38 20.32
C PHE A 314 -21.82 -7.57 19.51
N LEU A 315 -21.85 -7.70 18.19
CA LEU A 315 -20.94 -6.95 17.33
C LEU A 315 -21.07 -5.44 17.55
N ASP A 316 -22.30 -4.95 17.65
CA ASP A 316 -22.50 -3.50 17.83
C ASP A 316 -21.88 -3.00 19.13
N LYS A 317 -21.90 -3.82 20.18
CA LYS A 317 -21.35 -3.42 21.47
C LYS A 317 -19.85 -3.55 21.54
N LEU A 318 -19.21 -4.16 20.54
CA LEU A 318 -17.74 -4.15 20.47
C LEU A 318 -17.22 -2.98 19.66
N LEU A 319 -17.89 -2.66 18.54
CA LEU A 319 -17.39 -1.66 17.60
C LEU A 319 -18.00 -0.30 17.95
N ARG A 320 -17.43 0.32 18.99
CA ARG A 320 -17.77 1.68 19.41
C ARG A 320 -16.52 2.55 19.31
N TYR A 321 -16.67 3.77 18.79
CA TYR A 321 -15.56 4.71 18.78
C TYR A 321 -14.98 4.89 20.18
N ASP A 322 -15.85 5.18 21.16
CA ASP A 322 -15.43 5.44 22.53
C ASP A 322 -14.97 4.13 23.16
N HIS A 323 -13.65 4.00 23.35
CA HIS A 323 -13.09 2.78 23.91
C HIS A 323 -13.69 2.46 25.28
N GLN A 324 -14.10 3.49 26.04
CA GLN A 324 -14.66 3.27 27.36
C GLN A 324 -16.03 2.61 27.30
N SER A 325 -16.73 2.68 26.17
CA SER A 325 -18.08 2.15 26.06
C SER A 325 -18.13 0.75 25.45
N ARG A 326 -16.98 0.21 25.00
CA ARG A 326 -16.94 -1.15 24.48
C ARG A 326 -17.10 -2.17 25.60
N LEU A 327 -17.66 -3.33 25.26
CA LEU A 327 -17.70 -4.42 26.22
C LEU A 327 -16.29 -4.78 26.68
N THR A 328 -16.17 -5.10 27.97
CA THR A 328 -14.98 -5.77 28.43
C THR A 328 -15.02 -7.23 27.98
N ALA A 329 -13.87 -7.91 28.08
CA ALA A 329 -13.84 -9.31 27.72
C ALA A 329 -14.80 -10.12 28.57
N ARG A 330 -14.87 -9.83 29.87
CA ARG A 330 -15.77 -10.59 30.73
C ARG A 330 -17.23 -10.27 30.45
N GLU A 331 -17.55 -9.00 30.19
CA GLU A 331 -18.92 -8.66 29.77
C GLU A 331 -19.28 -9.34 28.45
N ALA A 332 -18.34 -9.39 27.51
CA ALA A 332 -18.58 -10.07 26.24
C ALA A 332 -18.94 -11.53 26.46
N MET A 333 -18.25 -12.21 27.38
N MET A 333 -18.24 -12.20 27.38
CA MET A 333 -18.51 -13.63 27.62
CA MET A 333 -18.50 -13.62 27.64
C MET A 333 -19.84 -13.89 28.30
C MET A 333 -19.90 -13.86 28.18
N GLU A 334 -20.51 -12.86 28.81
CA GLU A 334 -21.86 -13.00 29.37
C GLU A 334 -22.95 -12.65 28.37
N HIS A 335 -22.60 -12.28 27.14
CA HIS A 335 -23.60 -11.89 26.16
C HIS A 335 -24.42 -13.10 25.69
N PRO A 336 -25.71 -12.90 25.37
CA PRO A 336 -26.56 -14.00 24.88
C PRO A 336 -26.00 -14.78 23.70
N TYR A 337 -25.19 -14.14 22.85
CA TYR A 337 -24.59 -14.83 21.71
C TYR A 337 -23.86 -16.11 22.15
N PHE A 338 -23.40 -16.18 23.40
CA PHE A 338 -22.63 -17.31 23.89
C PHE A 338 -23.42 -18.24 24.82
N TYR A 339 -24.74 -18.09 24.92
CA TYR A 339 -25.50 -18.87 25.90
C TYR A 339 -25.36 -20.37 25.66
N THR A 340 -25.49 -20.80 24.40
CA THR A 340 -25.42 -22.24 24.14
C THR A 340 -23.99 -22.75 24.26
N VAL A 341 -22.98 -21.93 23.95
CA VAL A 341 -21.61 -22.35 24.19
C VAL A 341 -21.36 -22.52 25.69
N VAL A 342 -21.85 -21.58 26.50
CA VAL A 342 -21.59 -21.62 27.93
C VAL A 342 -22.22 -22.86 28.56
N LYS A 343 -23.47 -23.17 28.20
CA LYS A 343 -24.10 -24.33 28.82
C LYS A 343 -23.51 -25.64 28.31
N ASP A 344 -23.01 -25.66 27.06
CA ASP A 344 -22.34 -26.86 26.56
C ASP A 344 -21.04 -27.09 27.32
N GLN A 345 -20.30 -26.04 27.66
CA GLN A 345 -19.05 -26.22 28.37
C GLN A 345 -19.26 -26.59 29.83
N ALA A 346 -20.47 -26.39 30.36
CA ALA A 346 -20.79 -26.87 31.70
C ALA A 346 -20.96 -28.38 31.71
N ARG A 347 -21.38 -28.96 30.59
CA ARG A 347 -21.50 -30.41 30.40
C ARG A 347 -22.41 -31.05 31.44
N SER B 16 37.95 14.83 -15.16
CA SER B 16 36.70 15.43 -14.71
C SER B 16 35.50 14.68 -15.30
N GLY B 17 34.46 14.48 -14.49
CA GLY B 17 33.29 13.76 -14.91
C GLY B 17 32.16 14.69 -15.33
N PRO B 18 30.95 14.14 -15.45
CA PRO B 18 29.81 14.95 -15.90
C PRO B 18 29.44 16.02 -14.89
N VAL B 19 28.94 17.15 -15.41
CA VAL B 19 28.47 18.24 -14.55
C VAL B 19 27.18 17.82 -13.88
N PRO B 20 27.00 18.09 -12.58
CA PRO B 20 25.75 17.74 -11.92
C PRO B 20 24.59 18.60 -12.39
N SER B 21 23.38 18.11 -12.13
CA SER B 21 22.16 18.79 -12.53
C SER B 21 21.11 18.62 -11.42
N ARG B 22 20.24 19.62 -11.30
N ARG B 22 20.22 19.61 -11.32
CA ARG B 22 19.10 19.58 -10.39
CA ARG B 22 19.11 19.59 -10.38
C ARG B 22 17.84 19.97 -11.15
C ARG B 22 17.84 20.00 -11.12
N ALA B 23 16.71 19.40 -10.73
CA ALA B 23 15.42 19.81 -11.29
C ALA B 23 15.17 21.29 -11.04
N ARG B 24 14.61 21.96 -12.06
CA ARG B 24 14.23 23.38 -11.96
C ARG B 24 13.09 23.60 -10.98
N VAL B 25 12.20 22.63 -10.82
CA VAL B 25 11.05 22.78 -9.95
C VAL B 25 10.90 21.52 -9.11
N TYR B 26 10.16 21.65 -8.00
CA TYR B 26 9.87 20.50 -7.14
C TYR B 26 11.14 19.79 -6.71
N THR B 27 12.21 20.57 -6.55
CA THR B 27 13.55 20.00 -6.39
C THR B 27 13.68 19.22 -5.09
N ASP B 28 13.14 19.75 -4.01
CA ASP B 28 13.38 19.22 -2.67
C ASP B 28 12.13 18.67 -2.00
N VAL B 29 11.10 18.33 -2.79
CA VAL B 29 9.81 18.00 -2.17
C VAL B 29 9.92 16.71 -1.35
N ASN B 30 10.69 15.74 -1.83
CA ASN B 30 10.85 14.50 -1.06
C ASN B 30 11.69 14.69 0.18
N THR B 31 12.69 15.58 0.13
CA THR B 31 13.53 15.83 1.29
C THR B 31 12.71 16.34 2.46
N HIS B 32 11.66 17.13 2.19
CA HIS B 32 10.83 17.69 3.24
C HIS B 32 9.76 16.74 3.74
N ARG B 33 9.56 15.62 3.07
N ARG B 33 9.57 15.62 3.05
CA ARG B 33 8.57 14.69 3.57
CA ARG B 33 8.67 14.56 3.50
C ARG B 33 9.24 13.63 4.45
C ARG B 33 9.30 13.77 4.64
N PRO B 34 8.50 13.02 5.38
CA PRO B 34 9.06 11.95 6.20
C PRO B 34 9.57 10.84 5.30
N ARG B 35 10.63 10.16 5.74
CA ARG B 35 11.29 9.23 4.82
C ARG B 35 10.35 8.12 4.36
N GLU B 36 9.36 7.74 5.17
CA GLU B 36 8.44 6.68 4.74
C GLU B 36 7.71 7.02 3.45
N TYR B 37 7.55 8.30 3.13
CA TYR B 37 6.90 8.66 1.87
C TYR B 37 7.64 8.09 0.66
N TRP B 38 8.97 8.16 0.67
CA TRP B 38 9.77 7.75 -0.49
C TRP B 38 10.65 6.53 -0.24
N ASP B 39 10.80 6.10 1.01
CA ASP B 39 11.63 4.94 1.35
C ASP B 39 10.79 3.68 1.17
N TYR B 40 10.55 3.34 -0.10
CA TYR B 40 9.58 2.30 -0.43
C TYR B 40 10.04 0.90 -0.03
N GLU B 41 11.35 0.70 0.16
CA GLU B 41 11.81 -0.62 0.58
C GLU B 41 11.22 -1.02 1.92
N SER B 42 10.88 -0.05 2.78
CA SER B 42 10.32 -0.36 4.08
C SER B 42 8.79 -0.41 4.07
N HIS B 43 8.15 -0.21 2.92
CA HIS B 43 6.69 -0.23 2.85
C HIS B 43 6.15 -1.63 3.12
N VAL B 44 5.14 -1.72 4.00
CA VAL B 44 4.47 -2.98 4.30
C VAL B 44 3.16 -3.04 3.53
N VAL B 45 3.01 -4.08 2.70
CA VAL B 45 1.80 -4.26 1.91
C VAL B 45 0.73 -4.94 2.76
N GLU B 46 -0.47 -4.36 2.79
CA GLU B 46 -1.63 -5.01 3.40
C GLU B 46 -2.44 -5.65 2.28
N TRP B 47 -2.59 -6.97 2.32
CA TRP B 47 -3.15 -7.72 1.20
C TRP B 47 -4.66 -7.79 1.29
N GLY B 48 -5.32 -7.65 0.14
CA GLY B 48 -6.74 -7.91 0.03
C GLY B 48 -7.02 -9.36 -0.27
N ASN B 49 -8.26 -9.63 -0.65
CA ASN B 49 -8.74 -11.00 -0.86
C ASN B 49 -8.95 -11.22 -2.34
N GLN B 50 -8.08 -12.05 -2.94
CA GLN B 50 -8.22 -12.38 -4.36
C GLN B 50 -9.54 -13.07 -4.66
N ASP B 51 -10.17 -13.70 -3.67
CA ASP B 51 -11.46 -14.34 -3.91
C ASP B 51 -12.58 -13.34 -4.11
N ASP B 52 -12.34 -12.05 -3.84
CA ASP B 52 -13.31 -11.02 -4.19
C ASP B 52 -13.51 -10.85 -5.68
N TYR B 53 -12.61 -11.41 -6.51
CA TYR B 53 -12.56 -11.09 -7.94
C TYR B 53 -12.64 -12.36 -8.77
N GLN B 54 -13.28 -12.23 -9.94
CA GLN B 54 -13.26 -13.24 -10.98
C GLN B 54 -12.73 -12.61 -12.25
N LEU B 55 -11.80 -13.30 -12.92
CA LEU B 55 -11.24 -12.78 -14.16
C LEU B 55 -12.19 -13.04 -15.31
N VAL B 56 -12.37 -12.04 -16.16
CA VAL B 56 -13.30 -12.11 -17.28
C VAL B 56 -12.58 -12.41 -18.59
N ARG B 57 -11.53 -11.67 -18.89
CA ARG B 57 -10.81 -11.82 -20.16
C ARG B 57 -9.47 -11.12 -20.06
N LYS B 58 -8.55 -11.52 -20.94
CA LYS B 58 -7.23 -10.91 -20.97
C LYS B 58 -7.26 -9.67 -21.85
N LEU B 59 -6.69 -8.58 -21.34
CA LEU B 59 -6.61 -7.32 -22.07
C LEU B 59 -5.26 -7.10 -22.73
N GLY B 60 -4.20 -7.68 -22.19
CA GLY B 60 -2.89 -7.54 -22.79
C GLY B 60 -1.84 -8.21 -21.94
N ARG B 61 -0.62 -8.22 -22.48
CA ARG B 61 0.53 -8.79 -21.79
C ARG B 61 1.75 -7.98 -22.15
N GLY B 62 2.61 -7.75 -21.18
CA GLY B 62 3.82 -7.00 -21.40
C GLY B 62 5.03 -7.71 -20.84
N LYS B 63 6.18 -7.04 -20.85
CA LYS B 63 7.37 -7.67 -20.28
C LYS B 63 7.21 -7.91 -18.79
N TYR B 64 6.44 -7.07 -18.12
CA TYR B 64 6.37 -7.09 -16.66
C TYR B 64 5.03 -7.59 -16.10
N SER B 65 4.03 -7.83 -16.94
CA SER B 65 2.72 -8.16 -16.40
C SER B 65 1.83 -8.77 -17.47
N GLU B 66 0.76 -9.41 -17.00
CA GLU B 66 -0.41 -9.73 -17.82
C GLU B 66 -1.61 -9.01 -17.21
N VAL B 67 -2.45 -8.46 -18.05
CA VAL B 67 -3.51 -7.55 -17.62
C VAL B 67 -4.85 -8.16 -18.01
N PHE B 68 -5.78 -8.18 -17.06
CA PHE B 68 -7.08 -8.79 -17.25
C PHE B 68 -8.18 -7.81 -16.85
N GLU B 69 -9.30 -7.90 -17.54
CA GLU B 69 -10.54 -7.36 -17.01
C GLU B 69 -11.12 -8.36 -16.01
N ALA B 70 -11.67 -7.84 -14.92
CA ALA B 70 -12.21 -8.70 -13.88
C ALA B 70 -13.46 -8.06 -13.30
N ILE B 71 -14.14 -8.83 -12.47
CA ILE B 71 -15.34 -8.37 -11.80
C ILE B 71 -15.14 -8.59 -10.30
N ASN B 72 -15.44 -7.56 -9.52
CA ASN B 72 -15.51 -7.70 -8.06
C ASN B 72 -16.87 -8.31 -7.74
N ILE B 73 -16.89 -9.59 -7.36
CA ILE B 73 -18.15 -10.28 -7.15
C ILE B 73 -18.85 -9.87 -5.87
N THR B 74 -18.25 -9.00 -5.06
CA THR B 74 -18.92 -8.50 -3.87
C THR B 74 -19.79 -7.27 -4.16
N ASN B 75 -19.50 -6.52 -5.23
CA ASN B 75 -20.30 -5.35 -5.54
C ASN B 75 -20.59 -5.22 -7.03
N ASN B 76 -20.32 -6.26 -7.82
CA ASN B 76 -20.59 -6.27 -9.26
C ASN B 76 -19.88 -5.14 -10.00
N GLU B 77 -18.77 -4.66 -9.45
CA GLU B 77 -17.99 -3.59 -10.07
C GLU B 77 -16.92 -4.16 -10.99
N LYS B 78 -16.79 -3.59 -12.18
CA LYS B 78 -15.72 -3.96 -13.10
C LYS B 78 -14.40 -3.35 -12.67
N VAL B 79 -13.33 -4.15 -12.74
CA VAL B 79 -11.98 -3.70 -12.38
C VAL B 79 -11.01 -4.24 -13.43
N VAL B 80 -9.78 -3.75 -13.36
CA VAL B 80 -8.67 -4.25 -14.16
C VAL B 80 -7.63 -4.83 -13.21
N VAL B 81 -7.14 -6.02 -13.53
CA VAL B 81 -6.18 -6.74 -12.68
C VAL B 81 -4.88 -6.88 -13.45
N LYS B 82 -3.78 -6.42 -12.85
CA LYS B 82 -2.46 -6.53 -13.44
C LYS B 82 -1.68 -7.55 -12.61
N ILE B 83 -1.50 -8.75 -13.15
CA ILE B 83 -0.76 -9.80 -12.46
C ILE B 83 0.71 -9.59 -12.81
N LEU B 84 1.52 -9.32 -11.79
CA LEU B 84 2.90 -8.97 -12.07
C LEU B 84 3.72 -10.21 -12.37
N LYS B 85 4.59 -10.10 -13.37
CA LYS B 85 5.55 -11.17 -13.60
C LYS B 85 6.67 -11.05 -12.58
N PRO B 86 7.38 -12.15 -12.32
CA PRO B 86 8.46 -12.09 -11.33
C PRO B 86 9.48 -11.00 -11.59
N VAL B 87 9.60 -10.09 -10.63
CA VAL B 87 10.57 -9.01 -10.67
C VAL B 87 11.02 -8.78 -9.23
N LYS B 88 12.13 -8.06 -9.07
CA LYS B 88 12.65 -7.81 -7.73
C LYS B 88 11.56 -7.22 -6.84
N LYS B 89 11.49 -7.72 -5.61
CA LYS B 89 10.43 -7.30 -4.69
C LYS B 89 10.44 -5.80 -4.45
N LYS B 90 11.62 -5.16 -4.49
CA LYS B 90 11.66 -3.72 -4.22
C LYS B 90 11.04 -2.92 -5.35
N LYS B 91 11.03 -3.45 -6.58
CA LYS B 91 10.36 -2.73 -7.66
C LYS B 91 8.85 -2.83 -7.55
N ILE B 92 8.34 -3.94 -7.01
CA ILE B 92 6.92 -4.05 -6.72
C ILE B 92 6.53 -3.09 -5.60
N LYS B 93 7.33 -3.03 -4.53
CA LYS B 93 7.07 -2.08 -3.46
C LYS B 93 7.12 -0.64 -3.98
N ARG B 94 8.04 -0.35 -4.89
CA ARG B 94 8.14 0.99 -5.46
C ARG B 94 6.85 1.37 -6.20
N GLU B 95 6.36 0.48 -7.08
CA GLU B 95 5.15 0.80 -7.83
C GLU B 95 3.94 0.96 -6.90
N ILE B 96 3.83 0.07 -5.91
CA ILE B 96 2.73 0.14 -4.96
C ILE B 96 2.78 1.45 -4.18
N LYS B 97 3.96 1.79 -3.65
CA LYS B 97 4.08 3.01 -2.86
C LYS B 97 3.79 4.24 -3.69
N ILE B 98 4.26 4.27 -4.93
CA ILE B 98 3.99 5.41 -5.81
C ILE B 98 2.50 5.50 -6.12
N LEU B 99 1.86 4.36 -6.42
CA LEU B 99 0.43 4.37 -6.68
C LEU B 99 -0.36 4.86 -5.46
N GLU B 100 0.05 4.43 -4.27
CA GLU B 100 -0.64 4.88 -3.06
C GLU B 100 -0.41 6.36 -2.81
N ASN B 101 0.81 6.85 -3.05
CA ASN B 101 1.09 8.27 -2.83
C ASN B 101 0.29 9.16 -3.77
N LEU B 102 0.09 8.72 -5.01
CA LEU B 102 -0.57 9.52 -6.03
C LEU B 102 -2.08 9.34 -6.05
N ARG B 103 -2.62 8.43 -5.24
CA ARG B 103 -4.03 8.07 -5.35
C ARG B 103 -4.90 9.30 -5.17
N GLY B 104 -5.91 9.44 -6.03
CA GLY B 104 -6.80 10.57 -5.99
C GLY B 104 -6.33 11.79 -6.74
N GLY B 105 -5.11 11.79 -7.27
CA GLY B 105 -4.63 12.89 -8.05
C GLY B 105 -5.31 12.95 -9.40
N PRO B 106 -5.28 14.11 -10.05
CA PRO B 106 -6.03 14.26 -11.30
C PRO B 106 -5.48 13.35 -12.39
N ASN B 107 -6.38 12.53 -12.95
CA ASN B 107 -6.11 11.65 -14.08
C ASN B 107 -5.04 10.59 -13.80
N ILE B 108 -4.82 10.28 -12.53
CA ILE B 108 -3.96 9.17 -12.12
C ILE B 108 -4.85 7.94 -11.94
N ILE B 109 -4.45 6.81 -12.55
CA ILE B 109 -5.20 5.58 -12.37
C ILE B 109 -5.30 5.26 -10.88
N THR B 110 -6.46 4.82 -10.44
CA THR B 110 -6.70 4.57 -9.02
C THR B 110 -6.39 3.11 -8.69
N LEU B 111 -5.42 2.88 -7.81
CA LEU B 111 -5.17 1.53 -7.30
C LEU B 111 -6.25 1.19 -6.28
N ALA B 112 -7.05 0.17 -6.58
CA ALA B 112 -8.18 -0.20 -5.75
C ALA B 112 -7.87 -1.29 -4.73
N ASP B 113 -6.94 -2.21 -5.05
CA ASP B 113 -6.71 -3.36 -4.18
C ASP B 113 -5.37 -3.98 -4.56
N ILE B 114 -4.85 -4.79 -3.65
CA ILE B 114 -3.62 -5.56 -3.91
C ILE B 114 -3.88 -6.97 -3.38
N VAL B 115 -3.75 -7.97 -4.25
CA VAL B 115 -4.05 -9.35 -3.89
C VAL B 115 -2.92 -10.24 -4.39
N LYS B 116 -2.99 -11.51 -4.02
CA LYS B 116 -2.02 -12.50 -4.47
C LYS B 116 -2.72 -13.47 -5.42
N ASP B 117 -2.21 -13.57 -6.64
CA ASP B 117 -2.74 -14.50 -7.62
C ASP B 117 -2.54 -15.93 -7.12
N PRO B 118 -3.62 -16.71 -6.98
CA PRO B 118 -3.44 -18.10 -6.49
C PRO B 118 -2.64 -18.98 -7.43
N VAL B 119 -2.65 -18.68 -8.73
CA VAL B 119 -1.95 -19.52 -9.70
C VAL B 119 -0.44 -19.27 -9.62
N SER B 120 -0.01 -18.04 -9.89
CA SER B 120 1.41 -17.72 -9.98
C SER B 120 2.02 -17.31 -8.64
N ARG B 121 1.22 -17.19 -7.58
CA ARG B 121 1.68 -16.77 -6.25
C ARG B 121 2.33 -15.39 -6.27
N THR B 122 2.13 -14.63 -7.34
CA THR B 122 2.68 -13.31 -7.51
C THR B 122 1.67 -12.26 -7.06
N PRO B 123 2.12 -11.03 -6.82
CA PRO B 123 1.16 -9.97 -6.50
C PRO B 123 0.39 -9.56 -7.73
N ALA B 124 -0.85 -9.12 -7.49
CA ALA B 124 -1.70 -8.60 -8.55
C ALA B 124 -2.26 -7.27 -8.06
N LEU B 125 -2.16 -6.25 -8.90
CA LEU B 125 -2.68 -4.94 -8.59
C LEU B 125 -4.06 -4.82 -9.21
N VAL B 126 -5.01 -4.29 -8.44
CA VAL B 126 -6.38 -4.15 -8.91
C VAL B 126 -6.64 -2.66 -9.09
N PHE B 127 -7.03 -2.27 -10.30
CA PHE B 127 -7.23 -0.87 -10.65
C PHE B 127 -8.68 -0.61 -10.97
N GLU B 128 -9.08 0.66 -10.80
CA GLU B 128 -10.34 1.14 -11.35
C GLU B 128 -10.41 0.83 -12.84
N HIS B 129 -11.60 0.52 -13.31
CA HIS B 129 -11.81 0.22 -14.72
C HIS B 129 -11.98 1.51 -15.52
N VAL B 130 -11.34 1.57 -16.69
CA VAL B 130 -11.57 2.64 -17.66
C VAL B 130 -12.13 2.02 -18.92
N ASN B 131 -13.27 2.52 -19.39
CA ASN B 131 -13.86 2.00 -20.62
C ASN B 131 -13.09 2.62 -21.80
N ASN B 132 -12.00 1.95 -22.16
CA ASN B 132 -11.10 2.48 -23.19
C ASN B 132 -11.79 2.56 -24.54
N THR B 133 -11.47 3.61 -25.29
CA THR B 133 -11.94 3.78 -26.66
C THR B 133 -10.88 3.19 -27.60
N ASP B 134 -11.31 2.37 -28.55
CA ASP B 134 -10.35 1.86 -29.54
C ASP B 134 -9.85 3.02 -30.37
N PHE B 135 -8.55 3.28 -30.30
CA PHE B 135 -7.98 4.51 -30.82
C PHE B 135 -7.73 4.49 -32.32
N LYS B 136 -7.75 3.32 -32.97
CA LYS B 136 -7.70 3.29 -34.43
C LYS B 136 -8.85 4.11 -35.02
N GLN B 137 -10.04 4.04 -34.42
CA GLN B 137 -11.11 4.95 -34.83
C GLN B 137 -10.83 6.36 -34.36
N LEU B 138 -10.32 6.52 -33.14
CA LEU B 138 -10.04 7.85 -32.60
C LEU B 138 -9.06 8.62 -33.48
N TYR B 139 -7.99 7.95 -33.95
CA TYR B 139 -6.99 8.63 -34.76
C TYR B 139 -7.52 9.03 -36.14
N GLN B 140 -8.52 8.31 -36.65
CA GLN B 140 -9.07 8.64 -37.96
C GLN B 140 -9.84 9.95 -37.93
N THR B 141 -10.58 10.20 -36.83
CA THR B 141 -11.42 11.38 -36.71
C THR B 141 -10.87 12.38 -35.69
N LEU B 142 -9.63 12.23 -35.27
CA LEU B 142 -9.05 13.12 -34.26
C LEU B 142 -9.08 14.56 -34.73
N THR B 143 -9.52 15.46 -33.85
CA THR B 143 -9.57 16.87 -34.18
C THR B 143 -8.46 17.62 -33.47
N ASP B 144 -8.19 18.81 -33.96
CA ASP B 144 -7.26 19.73 -33.32
C ASP B 144 -7.62 19.91 -31.84
N TYR B 145 -8.91 20.17 -31.56
CA TYR B 145 -9.34 20.40 -30.19
C TYR B 145 -9.16 19.15 -29.32
N ASP B 146 -9.44 17.96 -29.87
CA ASP B 146 -9.26 16.73 -29.12
C ASP B 146 -7.83 16.60 -28.63
N ILE B 147 -6.86 16.88 -29.50
CA ILE B 147 -5.46 16.76 -29.11
C ILE B 147 -5.14 17.76 -28.00
N ARG B 148 -5.58 19.00 -28.16
CA ARG B 148 -5.33 20.00 -27.13
C ARG B 148 -5.97 19.59 -25.81
N PHE B 149 -7.21 19.11 -25.86
CA PHE B 149 -7.91 18.74 -24.63
C PHE B 149 -7.20 17.62 -23.90
N TYR B 150 -6.85 16.55 -24.61
CA TYR B 150 -6.25 15.40 -23.93
C TYR B 150 -4.80 15.64 -23.55
N MET B 151 -4.06 16.41 -24.34
CA MET B 151 -2.73 16.82 -23.90
C MET B 151 -2.80 17.58 -22.59
N TYR B 152 -3.79 18.48 -22.46
CA TYR B 152 -3.97 19.21 -21.21
C TYR B 152 -4.28 18.27 -20.05
N GLU B 153 -5.10 17.24 -20.30
CA GLU B 153 -5.41 16.27 -19.24
C GLU B 153 -4.18 15.49 -18.80
N ILE B 154 -3.30 15.12 -19.74
CA ILE B 154 -2.07 14.43 -19.36
C ILE B 154 -1.20 15.35 -18.52
N LEU B 155 -1.14 16.64 -18.88
CA LEU B 155 -0.33 17.59 -18.15
C LEU B 155 -0.80 17.78 -16.71
N LYS B 156 -2.12 17.69 -16.47
CA LYS B 156 -2.59 17.69 -15.09
C LYS B 156 -1.98 16.55 -14.30
N ALA B 157 -1.93 15.34 -14.89
CA ALA B 157 -1.39 14.19 -14.19
C ALA B 157 0.10 14.33 -13.96
N LEU B 158 0.83 14.85 -14.96
CA LEU B 158 2.27 15.00 -14.83
C LEU B 158 2.63 16.13 -13.86
N ASP B 159 1.95 17.27 -13.93
CA ASP B 159 2.24 18.29 -12.93
C ASP B 159 1.96 17.79 -11.53
N TYR B 160 0.88 17.02 -11.37
CA TYR B 160 0.58 16.47 -10.04
C TYR B 160 1.69 15.53 -9.58
N CYS B 161 2.06 14.54 -10.40
CA CYS B 161 3.02 13.56 -9.90
C CYS B 161 4.39 14.19 -9.70
N HIS B 162 4.80 15.11 -10.58
CA HIS B 162 6.05 15.85 -10.35
C HIS B 162 5.99 16.64 -9.05
N SER B 163 4.88 17.34 -8.80
CA SER B 163 4.73 18.11 -7.56
C SER B 163 4.78 17.19 -6.34
N MET B 164 4.43 15.92 -6.52
CA MET B 164 4.50 14.91 -5.48
C MET B 164 5.85 14.20 -5.46
N GLY B 165 6.84 14.70 -6.20
CA GLY B 165 8.19 14.15 -6.16
C GLY B 165 8.41 12.89 -6.96
N ILE B 166 7.60 12.63 -7.99
CA ILE B 166 7.64 11.37 -8.72
C ILE B 166 7.78 11.65 -10.21
N MET B 167 8.69 10.94 -10.86
CA MET B 167 8.85 10.91 -12.32
C MET B 167 8.16 9.67 -12.87
N HIS B 168 7.38 9.83 -13.93
CA HIS B 168 6.71 8.66 -14.50
C HIS B 168 7.68 7.76 -15.25
N ARG B 169 8.50 8.35 -16.12
CA ARG B 169 9.58 7.68 -16.87
C ARG B 169 9.11 6.69 -17.92
N ASP B 170 7.81 6.63 -18.24
CA ASP B 170 7.35 5.75 -19.30
C ASP B 170 6.13 6.35 -19.99
N VAL B 171 6.16 7.66 -20.21
CA VAL B 171 5.08 8.36 -20.90
C VAL B 171 5.07 7.91 -22.37
N LYS B 172 3.94 7.39 -22.84
CA LYS B 172 3.75 6.98 -24.22
C LYS B 172 2.26 6.71 -24.44
N PRO B 173 1.79 6.67 -25.70
CA PRO B 173 0.34 6.52 -25.93
C PRO B 173 -0.25 5.29 -25.28
N HIS B 174 0.50 4.19 -25.26
CA HIS B 174 0.01 2.94 -24.67
C HIS B 174 -0.34 3.10 -23.20
N ASN B 175 0.27 4.07 -22.52
CA ASN B 175 0.05 4.27 -21.10
C ASN B 175 -0.95 5.39 -20.83
N VAL B 176 -1.73 5.79 -21.82
CA VAL B 176 -2.77 6.80 -21.66
C VAL B 176 -4.10 6.17 -22.02
N MET B 177 -4.94 5.94 -21.01
CA MET B 177 -6.28 5.42 -21.21
C MET B 177 -7.25 6.57 -21.43
N ILE B 178 -8.11 6.45 -22.44
CA ILE B 178 -9.06 7.50 -22.76
C ILE B 178 -10.44 6.88 -22.97
N ASP B 179 -11.38 7.27 -22.12
CA ASP B 179 -12.81 7.00 -22.35
C ASP B 179 -13.35 8.23 -23.08
N HIS B 180 -13.34 8.17 -24.41
CA HIS B 180 -13.63 9.36 -25.21
C HIS B 180 -15.08 9.82 -25.02
N GLU B 181 -16.00 8.88 -24.81
CA GLU B 181 -17.40 9.26 -24.59
C GLU B 181 -17.56 10.21 -23.41
N HIS B 182 -16.79 9.98 -22.34
CA HIS B 182 -16.89 10.80 -21.13
C HIS B 182 -15.72 11.77 -20.98
N ARG B 183 -14.92 11.95 -22.03
CA ARG B 183 -13.75 12.82 -22.01
C ARG B 183 -12.88 12.54 -20.78
N LYS B 184 -12.71 11.26 -20.47
CA LYS B 184 -12.04 10.81 -19.26
C LYS B 184 -10.71 10.17 -19.62
N LEU B 185 -9.63 10.63 -19.00
CA LEU B 185 -8.29 10.17 -19.31
C LEU B 185 -7.59 9.71 -18.04
N ARG B 186 -6.81 8.63 -18.14
CA ARG B 186 -6.03 8.14 -17.02
C ARG B 186 -4.62 7.78 -17.47
N LEU B 187 -3.64 8.22 -16.71
CA LEU B 187 -2.25 7.85 -16.94
C LEU B 187 -1.96 6.58 -16.16
N ILE B 188 -1.54 5.52 -16.84
CA ILE B 188 -1.35 4.22 -16.20
C ILE B 188 0.11 3.79 -16.23
N ASP B 189 0.33 2.56 -15.76
CA ASP B 189 1.61 1.84 -15.67
C ASP B 189 2.74 2.66 -15.05
N TRP B 190 2.72 2.68 -13.72
CA TRP B 190 3.70 3.36 -12.92
C TRP B 190 4.84 2.44 -12.49
N GLY B 191 5.02 1.33 -13.21
CA GLY B 191 6.03 0.35 -12.84
C GLY B 191 7.45 0.81 -13.09
N LEU B 192 7.65 1.81 -13.92
CA LEU B 192 8.96 2.41 -14.12
C LEU B 192 9.15 3.71 -13.34
N ALA B 193 8.11 4.18 -12.65
CA ALA B 193 8.19 5.48 -12.00
C ALA B 193 9.15 5.43 -10.82
N GLU B 194 9.71 6.59 -10.47
CA GLU B 194 10.71 6.67 -9.42
C GLU B 194 10.59 8.01 -8.71
N PHE B 195 11.04 8.04 -7.45
CA PHE B 195 11.08 9.28 -6.67
C PHE B 195 12.28 10.12 -7.09
N TYR B 196 12.05 11.42 -7.26
CA TYR B 196 13.14 12.32 -7.59
C TYR B 196 13.85 12.80 -6.32
N HIS B 197 15.17 12.60 -6.28
CA HIS B 197 16.00 13.11 -5.19
C HIS B 197 17.17 13.87 -5.81
N PRO B 198 17.42 15.11 -5.39
CA PRO B 198 18.50 15.89 -6.02
C PRO B 198 19.86 15.20 -5.85
N GLY B 199 20.58 15.07 -6.96
CA GLY B 199 21.88 14.44 -6.96
C GLY B 199 21.86 12.94 -7.21
N GLN B 200 20.69 12.32 -7.28
CA GLN B 200 20.63 10.89 -7.52
C GLN B 200 20.89 10.58 -8.98
N GLU B 201 21.67 9.53 -9.23
CA GLU B 201 21.92 9.06 -10.57
C GLU B 201 20.99 7.88 -10.84
N TYR B 202 20.21 7.97 -11.90
CA TYR B 202 19.17 7.01 -12.17
C TYR B 202 19.58 6.09 -13.32
N ASN B 203 18.92 4.92 -13.37
CA ASN B 203 19.12 4.00 -14.47
C ASN B 203 18.56 4.64 -15.75
N VAL B 204 19.36 4.64 -16.82
CA VAL B 204 18.90 5.23 -18.07
C VAL B 204 18.12 4.24 -18.93
N ARG B 205 18.04 2.97 -18.52
CA ARG B 205 17.28 1.97 -19.27
C ARG B 205 15.82 2.00 -18.83
N VAL B 206 15.18 3.12 -19.15
CA VAL B 206 13.77 3.37 -18.85
C VAL B 206 13.12 3.88 -20.13
N ALA B 207 11.77 3.90 -20.11
CA ALA B 207 10.95 4.43 -21.20
C ALA B 207 11.05 3.57 -22.46
N SER B 208 10.05 3.66 -23.34
CA SER B 208 10.16 3.01 -24.64
C SER B 208 11.14 3.78 -25.51
N ARG B 209 11.87 3.05 -26.36
CA ARG B 209 12.93 3.64 -27.18
C ARG B 209 12.48 4.94 -27.85
N TYR B 210 11.30 4.92 -28.49
CA TYR B 210 10.86 6.06 -29.28
C TYR B 210 10.59 7.29 -28.44
N PHE B 211 10.46 7.13 -27.12
CA PHE B 211 10.13 8.22 -26.22
C PHE B 211 11.27 8.55 -25.26
N LYS B 212 12.41 7.88 -25.40
CA LYS B 212 13.56 8.15 -24.56
C LYS B 212 14.11 9.54 -24.84
N GLY B 213 14.30 10.32 -23.79
CA GLY B 213 14.94 11.60 -23.91
C GLY B 213 16.42 11.46 -24.24
N PRO B 214 16.99 12.51 -24.83
CA PRO B 214 18.44 12.48 -25.13
C PRO B 214 19.32 12.19 -23.94
N GLU B 215 18.94 12.64 -22.73
CA GLU B 215 19.76 12.32 -21.56
C GLU B 215 19.89 10.81 -21.39
N LEU B 216 18.83 10.06 -21.69
CA LEU B 216 18.93 8.61 -21.59
C LEU B 216 19.83 8.03 -22.67
N LEU B 217 19.79 8.62 -23.87
CA LEU B 217 20.51 8.08 -25.01
C LEU B 217 22.01 8.36 -24.93
N VAL B 218 22.42 9.45 -24.29
CA VAL B 218 23.83 9.77 -24.11
C VAL B 218 24.34 9.34 -22.73
N ASP B 219 23.53 8.61 -21.97
CA ASP B 219 23.93 8.08 -20.66
C ASP B 219 24.26 9.19 -19.67
N TYR B 220 23.37 10.18 -19.56
CA TYR B 220 23.46 11.20 -18.52
C TYR B 220 22.46 10.83 -17.43
N GLN B 221 22.97 10.42 -16.27
CA GLN B 221 22.15 9.73 -15.29
C GLN B 221 21.45 10.66 -14.29
N MET B 222 21.89 11.91 -14.17
CA MET B 222 21.34 12.80 -13.14
C MET B 222 20.18 13.62 -13.70
N TYR B 223 19.18 12.90 -14.21
CA TYR B 223 18.03 13.48 -14.88
C TYR B 223 16.86 13.67 -13.89
N ASP B 224 15.76 14.23 -14.36
CA ASP B 224 14.68 14.59 -13.43
C ASP B 224 13.33 14.56 -14.16
N TYR B 225 12.33 15.25 -13.57
CA TYR B 225 10.97 15.27 -14.10
C TYR B 225 10.92 15.62 -15.58
N SER B 226 11.87 16.44 -16.05
CA SER B 226 11.84 16.94 -17.42
C SER B 226 11.95 15.82 -18.45
N LEU B 227 12.42 14.64 -18.04
CA LEU B 227 12.38 13.47 -18.93
C LEU B 227 10.97 13.22 -19.44
N ASP B 228 9.97 13.29 -18.53
CA ASP B 228 8.59 13.10 -18.95
C ASP B 228 8.16 14.12 -19.99
N MET B 229 8.71 15.33 -19.94
CA MET B 229 8.30 16.37 -20.88
C MET B 229 8.83 16.11 -22.29
N TRP B 230 10.02 15.52 -22.41
CA TRP B 230 10.48 15.05 -23.72
C TRP B 230 9.53 14.01 -24.29
N SER B 231 9.23 12.97 -23.51
CA SER B 231 8.32 11.92 -23.98
C SER B 231 6.98 12.51 -24.42
N LEU B 232 6.49 13.50 -23.67
CA LEU B 232 5.23 14.14 -24.05
C LEU B 232 5.36 14.84 -25.39
N GLY B 233 6.50 15.51 -25.63
CA GLY B 233 6.71 16.14 -26.92
C GLY B 233 6.74 15.13 -28.07
N CYS B 234 7.35 13.97 -27.84
CA CYS B 234 7.31 12.91 -28.85
C CYS B 234 5.88 12.49 -29.17
N MET B 235 5.04 12.38 -28.14
CA MET B 235 3.65 12.01 -28.37
C MET B 235 2.93 13.09 -29.16
N LEU B 236 3.11 14.36 -28.77
CA LEU B 236 2.45 15.45 -29.47
C LEU B 236 2.84 15.50 -30.94
N ALA B 237 4.14 15.34 -31.24
CA ALA B 237 4.60 15.34 -32.62
C ALA B 237 3.91 14.25 -33.44
N SER B 238 3.77 13.06 -32.87
CA SER B 238 3.13 11.97 -33.59
C SER B 238 1.66 12.26 -33.86
N MET B 239 0.97 12.93 -32.93
N MET B 239 0.98 12.97 -32.96
CA MET B 239 -0.43 13.27 -33.16
CA MET B 239 -0.43 13.25 -33.12
C MET B 239 -0.58 14.27 -34.28
C MET B 239 -0.68 14.32 -34.19
N ILE B 240 0.05 15.44 -34.13
CA ILE B 240 -0.22 16.53 -35.07
C ILE B 240 0.37 16.23 -36.44
N PHE B 241 1.46 15.47 -36.52
CA PHE B 241 2.02 15.14 -37.82
C PHE B 241 1.50 13.82 -38.36
N ARG B 242 0.73 13.07 -37.56
CA ARG B 242 0.18 11.77 -37.95
C ARG B 242 1.28 10.82 -38.40
N LYS B 243 2.28 10.64 -37.53
CA LYS B 243 3.40 9.74 -37.78
C LYS B 243 3.74 9.09 -36.44
N GLU B 244 3.30 7.85 -36.24
CA GLU B 244 3.48 7.17 -34.96
C GLU B 244 4.39 5.96 -35.12
N PRO B 245 5.54 5.90 -34.43
CA PRO B 245 6.05 6.98 -33.58
C PRO B 245 6.77 8.04 -34.42
N PHE B 246 7.01 9.24 -33.88
CA PHE B 246 7.62 10.30 -34.67
C PHE B 246 9.10 10.05 -34.91
N PHE B 247 9.87 9.79 -33.85
CA PHE B 247 11.28 9.39 -33.98
C PHE B 247 11.32 7.87 -33.89
N HIS B 248 11.46 7.20 -35.03
CA HIS B 248 11.31 5.76 -35.10
C HIS B 248 12.68 5.10 -35.26
N GLY B 249 13.43 5.08 -34.17
CA GLY B 249 14.76 4.47 -34.20
C GLY B 249 14.71 2.95 -34.08
N HIS B 250 15.72 2.31 -34.68
CA HIS B 250 15.86 0.86 -34.63
C HIS B 250 16.53 0.38 -33.36
N ASP B 251 17.31 1.24 -32.71
CA ASP B 251 18.03 0.91 -31.48
C ASP B 251 18.33 2.24 -30.79
N ASN B 252 18.98 2.16 -29.61
CA ASN B 252 19.23 3.38 -28.85
C ASN B 252 20.20 4.32 -29.56
N TYR B 253 21.18 3.79 -30.27
CA TYR B 253 22.09 4.64 -31.04
C TYR B 253 21.35 5.31 -32.20
N ASP B 254 20.61 4.52 -32.97
CA ASP B 254 19.87 5.06 -34.10
C ASP B 254 18.77 6.02 -33.65
N GLN B 255 18.24 5.84 -32.44
CA GLN B 255 17.22 6.76 -31.93
C GLN B 255 17.76 8.18 -31.83
N LEU B 256 19.00 8.33 -31.36
CA LEU B 256 19.57 9.68 -31.26
C LEU B 256 19.88 10.25 -32.63
N VAL B 257 20.25 9.39 -33.60
CA VAL B 257 20.48 9.87 -34.95
C VAL B 257 19.19 10.41 -35.55
N ARG B 258 18.08 9.71 -35.34
CA ARG B 258 16.79 10.19 -35.86
C ARG B 258 16.43 11.54 -35.26
N ILE B 259 16.69 11.71 -33.96
CA ILE B 259 16.45 13.00 -33.30
C ILE B 259 17.38 14.06 -33.86
N ALA B 260 18.67 13.72 -34.04
CA ALA B 260 19.64 14.70 -34.50
C ALA B 260 19.36 15.17 -35.92
N LYS B 261 18.74 14.32 -36.75
CA LYS B 261 18.37 14.78 -38.09
C LYS B 261 17.25 15.81 -38.08
N VAL B 262 16.53 15.93 -36.97
CA VAL B 262 15.46 16.92 -36.82
C VAL B 262 15.92 18.12 -35.99
N LEU B 263 16.42 17.87 -34.78
CA LEU B 263 16.84 18.95 -33.90
C LEU B 263 18.22 19.50 -34.25
N GLY B 264 18.96 18.85 -35.14
CA GLY B 264 20.27 19.33 -35.51
C GLY B 264 21.37 18.84 -34.56
N THR B 265 22.59 18.80 -35.09
CA THR B 265 23.73 18.34 -34.30
C THR B 265 24.41 19.45 -33.52
N GLU B 266 24.23 20.72 -33.90
CA GLU B 266 24.90 21.80 -33.18
C GLU B 266 24.40 21.91 -31.75
N ASP B 267 23.08 21.91 -31.54
CA ASP B 267 22.56 21.97 -30.17
C ASP B 267 22.89 20.71 -29.38
N LEU B 268 23.02 19.56 -30.06
CA LEU B 268 23.41 18.33 -29.39
C LEU B 268 24.83 18.43 -28.82
N TYR B 269 25.78 18.89 -29.64
CA TYR B 269 27.14 19.00 -29.14
C TYR B 269 27.30 20.11 -28.11
N ASP B 270 26.49 21.17 -28.21
CA ASP B 270 26.45 22.16 -27.13
C ASP B 270 25.94 21.54 -25.84
N TYR B 271 24.94 20.67 -25.95
CA TYR B 271 24.42 19.96 -24.79
C TYR B 271 25.48 19.05 -24.19
N ILE B 272 26.13 18.25 -25.04
CA ILE B 272 27.22 17.38 -24.59
C ILE B 272 28.29 18.19 -23.88
N ASP B 273 28.68 19.32 -24.48
CA ASP B 273 29.74 20.14 -23.90
C ASP B 273 29.32 20.77 -22.59
N LYS B 274 28.06 21.22 -22.50
CA LYS B 274 27.59 21.90 -21.29
C LYS B 274 27.69 21.00 -20.07
N TYR B 275 27.30 19.74 -20.20
CA TYR B 275 27.32 18.81 -19.07
C TYR B 275 28.56 17.93 -19.04
N ASN B 276 29.54 18.21 -19.89
CA ASN B 276 30.79 17.45 -19.96
C ASN B 276 30.50 15.95 -20.09
N ILE B 277 29.57 15.63 -20.98
CA ILE B 277 29.16 14.25 -21.21
C ILE B 277 30.19 13.57 -22.11
N GLU B 278 30.65 12.40 -21.71
CA GLU B 278 31.54 11.59 -22.56
C GLU B 278 30.67 10.80 -23.52
N LEU B 279 30.75 11.13 -24.81
CA LEU B 279 29.87 10.50 -25.78
C LEU B 279 30.42 9.15 -26.19
N ASP B 280 29.55 8.15 -26.18
CA ASP B 280 29.90 6.80 -26.61
C ASP B 280 30.57 6.85 -27.98
N PRO B 281 31.74 6.25 -28.14
CA PRO B 281 32.45 6.34 -29.43
C PRO B 281 31.71 5.72 -30.61
N ARG B 282 30.66 4.91 -30.37
CA ARG B 282 29.84 4.42 -31.47
C ARG B 282 29.20 5.59 -32.23
N PHE B 283 28.83 6.65 -31.51
CA PHE B 283 28.11 7.78 -32.11
C PHE B 283 28.96 8.57 -33.09
N ASN B 284 30.29 8.47 -33.01
CA ASN B 284 31.16 9.32 -33.83
C ASN B 284 30.88 9.12 -35.31
N ASP B 285 30.81 7.86 -35.74
CA ASP B 285 30.69 7.56 -37.16
C ASP B 285 29.25 7.43 -37.63
N ILE B 286 28.27 7.79 -36.80
CA ILE B 286 26.87 7.73 -37.22
C ILE B 286 26.11 9.02 -36.98
N LEU B 287 26.52 9.90 -36.06
CA LEU B 287 25.75 11.12 -35.83
C LEU B 287 25.91 12.11 -36.98
N GLY B 288 27.12 12.23 -37.53
CA GLY B 288 27.33 13.13 -38.63
C GLY B 288 27.08 14.58 -38.25
N ARG B 289 26.67 15.36 -39.24
CA ARG B 289 26.38 16.78 -39.08
C ARG B 289 25.04 17.06 -39.73
N HIS B 290 24.10 17.62 -38.96
CA HIS B 290 22.76 17.89 -39.46
C HIS B 290 22.30 19.26 -38.98
N SER B 291 21.67 20.00 -39.89
CA SER B 291 21.06 21.26 -39.51
C SER B 291 19.78 21.02 -38.72
N ARG B 292 19.37 22.02 -37.96
CA ARG B 292 18.07 21.98 -37.30
C ARG B 292 16.99 22.30 -38.31
N LYS B 293 16.03 21.41 -38.47
CA LYS B 293 15.01 21.55 -39.48
C LYS B 293 13.85 22.40 -38.96
N ARG B 294 13.17 23.06 -39.89
CA ARG B 294 11.95 23.77 -39.55
C ARG B 294 10.77 22.80 -39.59
N TRP B 295 9.88 22.93 -38.61
CA TRP B 295 8.78 21.96 -38.48
C TRP B 295 7.89 21.93 -39.70
N GLU B 296 7.93 22.97 -40.54
CA GLU B 296 7.11 23.01 -41.74
C GLU B 296 7.39 21.85 -42.70
N ARG B 297 8.58 21.24 -42.62
CA ARG B 297 8.87 20.15 -43.56
C ARG B 297 8.09 18.88 -43.24
N PHE B 298 7.45 18.78 -42.08
CA PHE B 298 6.64 17.62 -41.73
C PHE B 298 5.15 17.87 -41.90
N VAL B 299 4.76 19.05 -42.38
CA VAL B 299 3.37 19.42 -42.58
C VAL B 299 2.99 19.09 -44.01
N HIS B 300 1.83 18.45 -44.19
CA HIS B 300 1.33 18.13 -45.52
C HIS B 300 -0.19 18.16 -45.49
N SER B 301 -0.80 17.86 -46.64
CA SER B 301 -2.25 18.03 -46.78
C SER B 301 -3.06 17.14 -45.84
N GLU B 302 -2.49 16.02 -45.41
CA GLU B 302 -3.21 15.07 -44.55
C GLU B 302 -3.11 15.39 -43.06
N ASN B 303 -2.19 16.25 -42.64
CA ASN B 303 -2.09 16.61 -41.23
C ASN B 303 -2.20 18.11 -40.97
N GLN B 304 -2.39 18.94 -42.00
CA GLN B 304 -2.31 20.38 -41.80
C GLN B 304 -3.41 20.88 -40.87
N HIS B 305 -4.55 20.18 -40.82
CA HIS B 305 -5.64 20.59 -39.94
C HIS B 305 -5.31 20.44 -38.46
N LEU B 306 -4.24 19.71 -38.11
CA LEU B 306 -3.83 19.56 -36.72
C LEU B 306 -2.64 20.44 -36.35
N VAL B 307 -2.01 21.09 -37.33
CA VAL B 307 -0.80 21.86 -37.10
C VAL B 307 -1.15 23.34 -37.15
N SER B 308 -0.62 24.10 -36.21
CA SER B 308 -0.85 25.54 -36.12
C SER B 308 0.40 26.18 -35.55
N PRO B 309 0.57 27.50 -35.73
CA PRO B 309 1.70 28.17 -35.05
C PRO B 309 1.75 27.88 -33.55
N GLU B 310 0.59 27.84 -32.88
N GLU B 310 0.60 27.84 -32.87
CA GLU B 310 0.59 27.56 -31.44
CA GLU B 310 0.59 27.57 -31.44
C GLU B 310 1.11 26.17 -31.15
C GLU B 310 1.10 26.16 -31.14
N ALA B 311 0.68 25.17 -31.94
CA ALA B 311 1.13 23.80 -31.69
C ALA B 311 2.63 23.65 -31.92
N LEU B 312 3.17 24.33 -32.93
CA LEU B 312 4.59 24.19 -33.24
C LEU B 312 5.44 24.91 -32.20
N ASP B 313 4.98 26.07 -31.73
CA ASP B 313 5.71 26.76 -30.67
C ASP B 313 5.76 25.91 -29.41
N PHE B 314 4.63 25.28 -29.07
CA PHE B 314 4.58 24.41 -27.89
C PHE B 314 5.48 23.18 -28.07
N LEU B 315 5.38 22.53 -29.24
CA LEU B 315 6.22 21.37 -29.52
C LEU B 315 7.70 21.71 -29.41
N ASP B 316 8.10 22.85 -29.98
CA ASP B 316 9.50 23.24 -29.99
C ASP B 316 10.04 23.41 -28.57
N LYS B 317 9.20 23.92 -27.66
CA LYS B 317 9.62 24.13 -26.28
C LYS B 317 9.62 22.86 -25.45
N LEU B 318 9.09 21.74 -25.96
CA LEU B 318 9.23 20.48 -25.26
C LEU B 318 10.45 19.69 -25.73
N LEU B 319 10.73 19.70 -27.03
CA LEU B 319 11.78 18.86 -27.60
C LEU B 319 13.09 19.63 -27.64
N ARG B 320 13.74 19.71 -26.48
CA ARG B 320 15.06 20.30 -26.34
C ARG B 320 16.02 19.24 -25.82
N TYR B 321 17.23 19.22 -26.37
CA TYR B 321 18.29 18.36 -25.83
C TYR B 321 18.51 18.64 -24.36
N ASP B 322 18.71 19.91 -24.00
CA ASP B 322 18.99 20.29 -22.63
C ASP B 322 17.72 20.13 -21.82
N HIS B 323 17.69 19.11 -20.95
CA HIS B 323 16.52 18.85 -20.13
C HIS B 323 16.16 20.06 -19.28
N GLN B 324 17.14 20.87 -18.89
CA GLN B 324 16.85 22.05 -18.07
C GLN B 324 16.07 23.10 -18.83
N SER B 325 16.09 23.08 -20.17
CA SER B 325 15.44 24.14 -20.94
C SER B 325 14.05 23.75 -21.43
N ARG B 326 13.60 22.52 -21.17
CA ARG B 326 12.25 22.14 -21.54
C ARG B 326 11.24 22.81 -20.62
N LEU B 327 10.04 23.06 -21.14
CA LEU B 327 8.95 23.55 -20.31
C LEU B 327 8.67 22.58 -19.18
N THR B 328 8.34 23.13 -18.00
CA THR B 328 7.75 22.30 -16.96
C THR B 328 6.30 21.99 -17.32
N ALA B 329 5.71 21.02 -16.62
CA ALA B 329 4.31 20.70 -16.89
C ALA B 329 3.42 21.90 -16.63
N ARG B 330 3.68 22.65 -15.57
CA ARG B 330 2.84 23.81 -15.27
C ARG B 330 3.07 24.94 -16.28
N GLU B 331 4.33 25.16 -16.70
CA GLU B 331 4.58 26.10 -17.78
C GLU B 331 3.88 25.67 -19.05
N ALA B 332 3.90 24.36 -19.34
CA ALA B 332 3.22 23.86 -20.53
C ALA B 332 1.73 24.16 -20.49
N MET B 333 1.11 24.01 -19.33
CA MET B 333 -0.33 24.25 -19.21
C MET B 333 -0.69 25.71 -19.42
N GLU B 334 0.26 26.62 -19.27
CA GLU B 334 0.01 28.03 -19.49
C GLU B 334 0.29 28.47 -20.92
N HIS B 335 0.69 27.55 -21.80
CA HIS B 335 1.00 27.92 -23.18
C HIS B 335 -0.27 28.31 -23.95
N PRO B 336 -0.17 29.25 -24.89
CA PRO B 336 -1.33 29.64 -25.71
C PRO B 336 -2.04 28.48 -26.41
N TYR B 337 -1.33 27.39 -26.72
CA TYR B 337 -1.96 26.24 -27.36
C TYR B 337 -3.19 25.75 -26.59
N PHE B 338 -3.24 25.99 -25.28
CA PHE B 338 -4.33 25.48 -24.45
C PHE B 338 -5.36 26.55 -24.05
N TYR B 339 -5.30 27.76 -24.62
CA TYR B 339 -6.16 28.83 -24.16
C TYR B 339 -7.64 28.47 -24.27
N THR B 340 -8.04 27.87 -25.39
CA THR B 340 -9.47 27.55 -25.55
C THR B 340 -9.88 26.35 -24.68
N VAL B 341 -8.97 25.40 -24.46
CA VAL B 341 -9.28 24.30 -23.53
C VAL B 341 -9.45 24.84 -22.13
N VAL B 342 -8.59 25.78 -21.72
CA VAL B 342 -8.67 26.33 -20.37
C VAL B 342 -9.97 27.10 -20.15
N LYS B 343 -10.37 27.93 -21.13
CA LYS B 343 -11.59 28.70 -20.93
C LYS B 343 -12.84 27.81 -21.00
N ASP B 344 -12.79 26.72 -21.78
CA ASP B 344 -13.92 25.79 -21.80
C ASP B 344 -14.08 25.09 -20.46
N GLN B 345 -12.97 24.75 -19.80
CA GLN B 345 -13.05 24.05 -18.52
C GLN B 345 -13.48 24.98 -17.38
N ALA B 346 -13.42 26.28 -17.57
CA ALA B 346 -13.87 27.23 -16.57
C ALA B 346 -15.40 27.27 -16.47
#